data_8YJH
#
_entry.id   8YJH
#
_cell.length_a   1.00
_cell.length_b   1.00
_cell.length_c   1.00
_cell.angle_alpha   90.00
_cell.angle_beta   90.00
_cell.angle_gamma   90.00
#
_symmetry.space_group_name_H-M   'P 1'
#
loop_
_entity.id
_entity.type
_entity.pdbx_description
1 polymer 'Proliferating cell nuclear antigen'
2 polymer 'Flap endonuclease 1'
3 polymer 'upstream DNA chain J'
4 polymer 'parent strand chain E'
5 polymer 'downstream DNA chain F'
6 polymer '5 prime DNA'
#
loop_
_entity_poly.entity_id
_entity_poly.type
_entity_poly.pdbx_seq_one_letter_code
_entity_poly.pdbx_strand_id
1 'polypeptide(L)'
;MFEARLVQGSILKKVLEALKDLINEACWDISSSGVNLQSMDSSHVSLVQLTLRSEGFDTYRCDRNLAMGVNLTSMSKILK
CAGNEDIITLRAEDNADTLALVFEAPNQEKVSDYEMKLMDLDVEQLGIPEQEYSCVVKMPSGEFARICRDLSHIGDAVVI
SCAKDGVKFSASGELGNGNIKLSQTSNVDKEEEAVTIEMNEPVQLTFALRYLNFFTKATPLSSTVTLSMSADVPLVVEYK
IADMGHLKYYLAPKIEDEEGS
;
B,C,A
2 'polypeptide(L)'
;MGIQGLAKLIADVAPSAIRENDIKSYFGRKVAIDASMSIYQFLIAVRQGGDVLQNEEGETTSHLMGMFYRTIRMMENGIK
PVYVFDGKPPQLKSGELAKRSERRAEAEKQLQQAQAAGAEQEVEKFTKRLVKVTKQHNDECKHLLSLMGIPYLDAPSEAE
ASCAALVKAGKVYAAATEDMDCLTFGSPVLMRHLTASEAKKLPIQEFHLSRILQELGLNQEQFVDLCILLGSDYCESIRG
IGPKRAVDLIQKHKSIEEIVRRLDPNKYPVPENWLHKEAHQLFLEPEVLDPESVELKWSEPNEEELIKFMCGEKQFSEER
IRSGVKRLSKSRQGSTQGRLDDFFKVTGSLSSAKRKEPEPKGSTKKKAKTGAAGKFKRGK
;
D
3 'polydeoxyribonucleotide' (DT)(DA)(DA)(DA)(DA)(DA)(DT)(DT)(DT)(DA)(DA)(DA)(DT)(DT)(DT) J
4 'polydeoxyribonucleotide'
;(DT)(DT)(DT)(DT)(DT)(DA)(DA)(DA)(DA)(DA)(DA)(DA)(DA)(DT)(DT)(DT)(DA)(DA)(DA)(DT)
(DT)(DT)(DT)(DT)(DA)
;
E
5 'polydeoxyribonucleotide' (DT)(DT)(DT)(DT)(DT)(DA)(DA)(DA)(DA)(DA) F
6 'polydeoxyribonucleotide' (DT)(DT)(DT) H
#
loop_
_chem_comp.id
_chem_comp.type
_chem_comp.name
_chem_comp.formula
DA DNA linking 2'-DEOXYADENOSINE-5'-MONOPHOSPHATE 'C10 H14 N5 O6 P'
DT DNA linking THYMIDINE-5'-MONOPHOSPHATE 'C10 H15 N2 O8 P'
#
# COMPACT_ATOMS: atom_id res chain seq x y z
N MET A 1 -17.95 -18.62 -42.52
CA MET A 1 -18.34 -18.76 -41.11
C MET A 1 -17.31 -19.57 -40.34
N PHE A 2 -16.52 -18.89 -39.52
CA PHE A 2 -15.50 -19.53 -38.71
C PHE A 2 -16.13 -20.14 -37.46
N GLU A 3 -15.72 -21.36 -37.15
CA GLU A 3 -16.28 -22.11 -36.03
C GLU A 3 -15.16 -22.79 -35.27
N ALA A 4 -15.17 -22.63 -33.94
CA ALA A 4 -14.15 -23.28 -33.10
C ALA A 4 -14.78 -23.55 -31.74
N ARG A 5 -15.23 -24.78 -31.53
CA ARG A 5 -15.76 -25.20 -30.24
C ARG A 5 -14.62 -25.82 -29.43
N LEU A 6 -14.19 -25.13 -28.40
CA LEU A 6 -13.12 -25.59 -27.52
C LEU A 6 -13.73 -26.04 -26.20
N VAL A 7 -13.53 -27.31 -25.86
CA VAL A 7 -14.11 -27.84 -24.63
C VAL A 7 -13.26 -27.50 -23.41
N GLN A 8 -11.94 -27.29 -23.59
CA GLN A 8 -11.06 -26.89 -22.50
C GLN A 8 -10.85 -25.39 -22.60
N GLY A 9 -11.88 -24.64 -22.18
CA GLY A 9 -11.91 -23.20 -22.36
C GLY A 9 -10.98 -22.43 -21.44
N SER A 10 -10.46 -23.07 -20.39
CA SER A 10 -9.46 -22.47 -19.54
C SER A 10 -8.13 -22.26 -20.26
N ILE A 11 -7.86 -23.02 -21.33
CA ILE A 11 -6.68 -22.80 -22.16
C ILE A 11 -6.74 -21.44 -22.85
N LEU A 12 -7.89 -21.11 -23.45
CA LEU A 12 -8.07 -19.81 -24.07
C LEU A 12 -8.17 -18.69 -23.04
N LYS A 13 -8.72 -19.01 -21.86
CA LYS A 13 -8.74 -18.06 -20.74
C LYS A 13 -7.34 -17.70 -20.28
N LYS A 14 -6.45 -18.70 -20.19
CA LYS A 14 -5.08 -18.44 -19.77
C LYS A 14 -4.26 -17.79 -20.86
N VAL A 15 -4.59 -18.06 -22.14
CA VAL A 15 -3.95 -17.38 -23.27
C VAL A 15 -4.29 -15.89 -23.26
N LEU A 16 -5.57 -15.56 -23.03
CA LEU A 16 -5.96 -14.15 -23.00
C LEU A 16 -5.50 -13.45 -21.73
N GLU A 17 -5.40 -14.17 -20.61
CA GLU A 17 -4.84 -13.58 -19.40
C GLU A 17 -3.32 -13.39 -19.53
N ALA A 18 -2.67 -14.24 -20.32
CA ALA A 18 -1.25 -14.06 -20.62
C ALA A 18 -1.01 -12.87 -21.52
N LEU A 19 -1.83 -12.72 -22.55
CA LEU A 19 -1.64 -11.69 -23.56
C LEU A 19 -2.44 -10.43 -23.26
N LYS A 20 -3.04 -10.33 -22.07
CA LYS A 20 -3.76 -9.12 -21.68
C LYS A 20 -2.81 -7.96 -21.42
N ASP A 21 -1.77 -8.20 -20.62
CA ASP A 21 -0.87 -7.15 -20.20
C ASP A 21 0.33 -6.97 -21.12
N LEU A 22 0.37 -7.71 -22.23
CA LEU A 22 1.50 -7.69 -23.15
C LEU A 22 1.16 -7.09 -24.49
N ILE A 23 0.13 -7.61 -25.16
CA ILE A 23 -0.27 -7.18 -26.49
C ILE A 23 -1.64 -6.53 -26.38
N ASN A 24 -1.78 -5.33 -26.93
CA ASN A 24 -3.06 -4.62 -26.88
C ASN A 24 -3.88 -4.80 -28.14
N GLU A 25 -3.25 -4.75 -29.31
CA GLU A 25 -3.93 -4.92 -30.60
C GLU A 25 -3.24 -6.05 -31.34
N ALA A 26 -3.88 -7.22 -31.40
CA ALA A 26 -3.32 -8.39 -32.04
C ALA A 26 -4.23 -8.88 -33.15
N CYS A 27 -3.65 -9.25 -34.28
CA CYS A 27 -4.38 -9.88 -35.36
C CYS A 27 -4.48 -11.38 -35.09
N TRP A 28 -5.68 -11.93 -35.29
CA TRP A 28 -5.92 -13.36 -35.07
C TRP A 28 -5.91 -14.01 -36.44
N ASP A 29 -4.72 -14.42 -36.88
CA ASP A 29 -4.55 -15.03 -38.19
C ASP A 29 -5.09 -16.46 -38.18
N ILE A 30 -6.38 -16.61 -38.45
CA ILE A 30 -7.07 -17.88 -38.34
C ILE A 30 -6.92 -18.63 -39.66
N SER A 31 -6.32 -19.81 -39.60
CA SER A 31 -6.07 -20.62 -40.77
C SER A 31 -7.16 -21.68 -40.91
N SER A 32 -7.09 -22.45 -42.00
CA SER A 32 -8.01 -23.55 -42.21
C SER A 32 -7.66 -24.77 -41.37
N SER A 33 -6.42 -24.85 -40.88
CA SER A 33 -5.95 -25.97 -40.08
C SER A 33 -5.25 -25.47 -38.82
N GLY A 34 -5.83 -24.49 -38.16
CA GLY A 34 -5.28 -23.99 -36.92
C GLY A 34 -5.59 -22.52 -36.74
N VAL A 35 -5.28 -22.04 -35.53
CA VAL A 35 -5.45 -20.63 -35.17
C VAL A 35 -4.08 -20.08 -34.81
N ASN A 36 -3.68 -18.99 -35.46
CA ASN A 36 -2.35 -18.42 -35.29
C ASN A 36 -2.45 -16.95 -34.90
N LEU A 37 -1.43 -16.49 -34.17
CA LEU A 37 -1.30 -15.10 -33.80
C LEU A 37 0.18 -14.74 -33.85
N GLN A 38 0.51 -13.65 -34.55
CA GLN A 38 1.87 -13.14 -34.61
C GLN A 38 1.79 -11.62 -34.52
N SER A 39 2.13 -11.08 -33.35
CA SER A 39 2.00 -9.64 -33.12
C SER A 39 2.96 -9.19 -32.05
N MET A 40 3.16 -7.88 -31.98
CA MET A 40 3.93 -7.24 -30.92
C MET A 40 3.38 -5.84 -30.70
N ASP A 41 3.36 -5.41 -29.44
CA ASP A 41 2.86 -4.09 -29.07
C ASP A 41 3.74 -3.47 -27.99
N SER A 42 5.05 -3.56 -28.19
CA SER A 42 6.00 -3.00 -27.24
C SER A 42 7.10 -2.28 -28.00
N SER A 43 7.80 -1.39 -27.30
CA SER A 43 8.95 -0.73 -27.89
C SER A 43 10.12 -1.70 -28.07
N HIS A 44 10.24 -2.68 -27.20
CA HIS A 44 11.18 -3.77 -27.37
C HIS A 44 10.55 -4.83 -28.27
N VAL A 45 11.39 -5.71 -28.82
CA VAL A 45 10.93 -6.84 -29.63
C VAL A 45 10.23 -7.83 -28.71
N SER A 46 8.90 -7.84 -28.77
CA SER A 46 8.04 -8.64 -27.92
C SER A 46 7.08 -9.46 -28.77
N LEU A 47 7.64 -10.18 -29.75
CA LEU A 47 6.84 -10.98 -30.66
C LEU A 47 6.25 -12.19 -29.96
N VAL A 48 4.94 -12.35 -30.10
CA VAL A 48 4.20 -13.46 -29.50
C VAL A 48 3.69 -14.33 -30.63
N GLN A 49 4.11 -15.60 -30.63
CA GLN A 49 3.78 -16.52 -31.71
C GLN A 49 2.96 -17.66 -31.12
N LEU A 50 1.67 -17.63 -31.36
CA LEU A 50 0.71 -18.56 -30.76
C LEU A 50 0.22 -19.55 -31.80
N THR A 51 0.20 -20.83 -31.44
CA THR A 51 -0.39 -21.87 -32.28
C THR A 51 -1.53 -22.53 -31.52
N LEU A 52 -2.71 -22.57 -32.13
CA LEU A 52 -3.85 -23.30 -31.59
C LEU A 52 -4.37 -24.16 -32.74
N ARG A 53 -3.91 -25.41 -32.79
CA ARG A 53 -4.24 -26.29 -33.90
C ARG A 53 -5.68 -26.81 -33.78
N SER A 54 -6.19 -27.30 -34.91
CA SER A 54 -7.58 -27.75 -34.99
C SER A 54 -7.79 -29.15 -34.46
N GLU A 55 -6.71 -29.89 -34.15
CA GLU A 55 -6.86 -31.27 -33.72
C GLU A 55 -7.35 -31.38 -32.28
N GLY A 56 -6.91 -30.46 -31.42
CA GLY A 56 -7.30 -30.53 -30.03
C GLY A 56 -8.64 -29.91 -29.70
N PHE A 57 -9.23 -29.17 -30.63
CA PHE A 57 -10.55 -28.61 -30.41
C PHE A 57 -11.62 -29.68 -30.55
N ASP A 58 -12.78 -29.43 -29.95
CA ASP A 58 -13.89 -30.37 -30.07
C ASP A 58 -14.50 -30.31 -31.47
N THR A 59 -14.67 -29.11 -32.01
CA THR A 59 -15.23 -28.93 -33.34
C THR A 59 -14.63 -27.69 -33.96
N TYR A 60 -13.95 -27.85 -35.09
CA TYR A 60 -13.39 -26.73 -35.83
C TYR A 60 -13.95 -26.78 -37.25
N ARG A 61 -14.39 -25.62 -37.73
CA ARG A 61 -14.93 -25.51 -39.09
C ARG A 61 -14.66 -24.09 -39.58
N CYS A 62 -13.55 -23.90 -40.30
CA CYS A 62 -13.26 -22.63 -40.93
C CYS A 62 -12.96 -22.86 -42.40
N ASP A 63 -13.60 -22.08 -43.27
CA ASP A 63 -13.44 -22.21 -44.71
C ASP A 63 -12.85 -20.97 -45.35
N ARG A 64 -12.17 -20.13 -44.56
CA ARG A 64 -11.54 -18.93 -45.10
C ARG A 64 -10.29 -18.62 -44.29
N ASN A 65 -9.36 -17.90 -44.91
CA ASN A 65 -8.14 -17.47 -44.24
C ASN A 65 -8.29 -16.03 -43.74
N LEU A 66 -9.31 -15.82 -42.91
CA LEU A 66 -9.59 -14.48 -42.40
C LEU A 66 -8.73 -14.18 -41.18
N ALA A 67 -8.36 -12.91 -41.06
CA ALA A 67 -7.58 -12.43 -39.91
C ALA A 67 -8.19 -11.12 -39.46
N MET A 68 -8.71 -11.10 -38.23
CA MET A 68 -9.39 -9.94 -37.69
C MET A 68 -8.54 -9.23 -36.65
N GLY A 69 -8.72 -7.92 -36.56
CA GLY A 69 -8.02 -7.12 -35.57
C GLY A 69 -8.85 -7.05 -34.30
N VAL A 70 -8.19 -7.30 -33.17
CA VAL A 70 -8.85 -7.39 -31.88
C VAL A 70 -8.12 -6.48 -30.91
N ASN A 71 -8.86 -5.55 -30.29
CA ASN A 71 -8.39 -4.89 -29.08
C ASN A 71 -8.34 -5.95 -27.98
N LEU A 72 -7.14 -6.39 -27.64
CA LEU A 72 -6.99 -7.70 -27.00
C LEU A 72 -7.29 -7.67 -25.51
N THR A 73 -7.24 -6.49 -24.87
CA THR A 73 -7.63 -6.43 -23.46
C THR A 73 -9.15 -6.53 -23.28
N SER A 74 -9.92 -6.11 -24.29
CA SER A 74 -11.37 -6.28 -24.25
C SER A 74 -11.77 -7.74 -24.42
N MET A 75 -11.10 -8.45 -25.33
CA MET A 75 -11.29 -9.89 -25.47
C MET A 75 -10.77 -10.63 -24.25
N SER A 76 -9.75 -10.09 -23.58
CA SER A 76 -9.28 -10.66 -22.33
C SER A 76 -10.30 -10.52 -21.21
N LYS A 77 -11.00 -9.38 -21.16
CA LYS A 77 -12.10 -9.20 -20.20
C LYS A 77 -13.27 -10.13 -20.50
N ILE A 78 -13.61 -10.29 -21.78
CA ILE A 78 -14.71 -11.17 -22.18
C ILE A 78 -14.36 -12.64 -21.94
N LEU A 79 -13.09 -13.01 -22.13
CA LEU A 79 -12.64 -14.34 -21.75
C LEU A 79 -12.51 -14.50 -20.24
N LYS A 80 -12.32 -13.40 -19.51
CA LYS A 80 -12.40 -13.45 -18.05
C LYS A 80 -13.84 -13.58 -17.55
N CYS A 81 -14.82 -13.28 -18.41
CA CYS A 81 -16.22 -13.57 -18.08
C CYS A 81 -16.54 -15.07 -18.16
N ALA A 82 -15.67 -15.88 -18.73
CA ALA A 82 -15.89 -17.31 -18.83
C ALA A 82 -15.51 -18.01 -17.53
N GLY A 83 -15.75 -19.33 -17.48
CA GLY A 83 -15.38 -20.15 -16.35
C GLY A 83 -14.22 -21.07 -16.67
N ASN A 84 -13.66 -21.67 -15.61
CA ASN A 84 -12.50 -22.54 -15.77
C ASN A 84 -12.87 -23.92 -16.29
N GLU A 85 -14.12 -24.35 -16.14
CA GLU A 85 -14.60 -25.62 -16.66
C GLU A 85 -15.60 -25.42 -17.80
N ASP A 86 -15.53 -24.28 -18.46
CA ASP A 86 -16.57 -23.79 -19.35
C ASP A 86 -16.19 -24.14 -20.79
N ILE A 87 -17.18 -24.60 -21.56
CA ILE A 87 -16.98 -24.88 -22.99
C ILE A 87 -17.10 -23.57 -23.74
N ILE A 88 -16.06 -23.23 -24.52
CA ILE A 88 -15.95 -21.93 -25.17
C ILE A 88 -16.04 -22.14 -26.68
N THR A 89 -17.01 -21.47 -27.30
CA THR A 89 -17.24 -21.56 -28.74
C THR A 89 -16.96 -20.20 -29.37
N LEU A 90 -16.22 -20.22 -30.47
CA LEU A 90 -15.88 -19.02 -31.22
C LEU A 90 -16.61 -19.04 -32.55
N ARG A 91 -17.35 -17.98 -32.84
CA ARG A 91 -18.03 -17.83 -34.12
C ARG A 91 -17.66 -16.50 -34.75
N ALA A 92 -17.64 -16.48 -36.08
CA ALA A 92 -17.33 -15.25 -36.82
C ALA A 92 -18.04 -15.32 -38.17
N GLU A 93 -19.13 -14.59 -38.32
CA GLU A 93 -19.84 -14.53 -39.59
C GLU A 93 -19.04 -13.62 -40.53
N ASP A 94 -19.17 -13.88 -41.84
CA ASP A 94 -18.29 -13.27 -42.84
C ASP A 94 -18.56 -11.78 -43.01
N ASN A 95 -19.83 -11.39 -43.09
CA ASN A 95 -20.19 -9.99 -43.31
C ASN A 95 -20.34 -9.20 -42.02
N ALA A 96 -20.16 -9.83 -40.87
CA ALA A 96 -20.30 -9.13 -39.59
C ALA A 96 -18.94 -8.71 -39.05
N ASP A 97 -18.95 -7.64 -38.26
CA ASP A 97 -17.76 -7.13 -37.58
C ASP A 97 -17.66 -7.65 -36.15
N THR A 98 -18.23 -8.82 -35.88
CA THR A 98 -18.28 -9.38 -34.53
C THR A 98 -17.61 -10.74 -34.50
N LEU A 99 -16.81 -10.96 -33.45
CA LEU A 99 -16.29 -12.28 -33.11
C LEU A 99 -17.18 -12.84 -32.02
N ALA A 100 -18.13 -13.70 -32.41
CA ALA A 100 -19.16 -14.16 -31.49
C ALA A 100 -18.58 -15.23 -30.57
N LEU A 101 -18.56 -14.93 -29.28
CA LEU A 101 -18.06 -15.84 -28.24
C LEU A 101 -19.25 -16.39 -27.48
N VAL A 102 -19.38 -17.72 -27.47
CA VAL A 102 -20.50 -18.41 -26.85
C VAL A 102 -19.95 -19.33 -25.78
N PHE A 103 -20.41 -19.15 -24.55
CA PHE A 103 -19.94 -19.92 -23.41
C PHE A 103 -21.03 -20.88 -22.96
N GLU A 104 -20.71 -22.17 -22.92
CA GLU A 104 -21.64 -23.20 -22.51
C GLU A 104 -21.14 -23.83 -21.21
N ALA A 105 -21.86 -23.59 -20.13
CA ALA A 105 -21.48 -24.13 -18.82
C ALA A 105 -21.72 -25.64 -18.80
N PRO A 106 -20.88 -26.41 -18.09
CA PRO A 106 -20.97 -27.88 -18.16
C PRO A 106 -22.18 -28.49 -17.46
N ASN A 107 -22.92 -27.73 -16.65
CA ASN A 107 -24.20 -28.20 -16.13
C ASN A 107 -25.36 -27.83 -17.04
N GLN A 108 -25.06 -27.23 -18.20
CA GLN A 108 -26.04 -26.75 -19.21
C GLN A 108 -27.08 -25.80 -18.61
N GLU A 109 -26.60 -24.85 -17.79
CA GLU A 109 -27.45 -23.84 -17.20
C GLU A 109 -27.19 -22.45 -17.78
N LYS A 110 -25.95 -21.98 -17.72
CA LYS A 110 -25.59 -20.64 -18.14
C LYS A 110 -25.05 -20.69 -19.56
N VAL A 111 -25.83 -20.19 -20.52
CA VAL A 111 -25.42 -20.11 -21.91
C VAL A 111 -25.25 -18.65 -22.27
N SER A 112 -24.04 -18.27 -22.65
CA SER A 112 -23.71 -16.88 -22.95
C SER A 112 -23.60 -16.68 -24.45
N ASP A 113 -23.69 -15.41 -24.86
CA ASP A 113 -23.46 -15.03 -26.26
C ASP A 113 -22.84 -13.63 -26.23
N TYR A 114 -21.52 -13.58 -26.23
CA TYR A 114 -20.77 -12.34 -26.30
C TYR A 114 -20.35 -12.06 -27.73
N GLU A 115 -20.48 -10.81 -28.15
CA GLU A 115 -20.08 -10.39 -29.49
C GLU A 115 -18.95 -9.39 -29.33
N MET A 116 -17.78 -9.74 -29.88
CA MET A 116 -16.59 -8.91 -29.73
C MET A 116 -16.48 -7.99 -30.95
N LYS A 117 -16.68 -6.69 -30.72
CA LYS A 117 -16.67 -5.68 -31.78
C LYS A 117 -15.27 -5.51 -32.33
N LEU A 118 -15.02 -6.07 -33.51
CA LEU A 118 -13.71 -6.04 -34.14
C LEU A 118 -13.43 -4.66 -34.73
N MET A 119 -12.16 -4.44 -35.06
CA MET A 119 -11.77 -3.22 -35.77
C MET A 119 -10.69 -3.57 -36.78
N ASP A 120 -10.55 -2.71 -37.78
CA ASP A 120 -9.62 -2.94 -38.88
C ASP A 120 -8.24 -2.45 -38.49
N LEU A 121 -7.29 -3.38 -38.38
CA LEU A 121 -5.90 -3.03 -38.13
C LEU A 121 -5.01 -4.09 -38.77
N ASP A 122 -3.92 -3.63 -39.38
CA ASP A 122 -2.97 -4.51 -40.05
C ASP A 122 -1.58 -4.25 -39.52
N VAL A 123 -0.90 -5.31 -39.08
CA VAL A 123 0.49 -5.24 -38.65
C VAL A 123 1.28 -6.26 -39.45
N GLU A 124 2.59 -6.03 -39.55
CA GLU A 124 3.47 -6.86 -40.35
C GLU A 124 4.28 -7.78 -39.42
N GLN A 125 4.11 -9.08 -39.60
CA GLN A 125 4.86 -10.05 -38.82
C GLN A 125 6.29 -10.17 -39.34
N LEU A 126 7.17 -10.74 -38.52
CA LEU A 126 8.57 -10.88 -38.88
C LEU A 126 8.93 -12.31 -39.29
N GLY A 127 8.30 -13.32 -38.67
CA GLY A 127 8.51 -14.69 -39.08
C GLY A 127 9.82 -15.32 -38.66
N ILE A 128 10.00 -15.52 -37.35
CA ILE A 128 11.18 -16.20 -36.83
C ILE A 128 11.03 -17.70 -37.07
N PRO A 129 11.98 -18.34 -37.76
CA PRO A 129 11.92 -19.80 -37.89
C PRO A 129 12.67 -20.52 -36.79
N GLU A 130 12.64 -21.86 -36.80
CA GLU A 130 13.42 -22.66 -35.84
C GLU A 130 14.84 -22.73 -36.37
N GLN A 131 15.63 -21.71 -36.06
CA GLN A 131 16.95 -21.53 -36.66
C GLN A 131 18.07 -22.03 -35.74
N GLU A 132 18.02 -23.35 -35.50
CA GLU A 132 19.08 -24.15 -34.85
C GLU A 132 19.34 -23.64 -33.42
N TYR A 133 18.39 -23.97 -32.56
CA TYR A 133 18.45 -23.55 -31.17
C TYR A 133 19.45 -24.43 -30.43
N SER A 134 20.60 -23.84 -30.09
CA SER A 134 21.73 -24.61 -29.58
C SER A 134 21.49 -25.08 -28.15
N CYS A 135 21.01 -24.19 -27.29
CA CYS A 135 20.79 -24.49 -25.88
C CYS A 135 19.30 -24.44 -25.60
N VAL A 136 18.71 -25.61 -25.35
CA VAL A 136 17.31 -25.73 -24.95
C VAL A 136 17.25 -26.35 -23.56
N VAL A 137 16.43 -25.77 -22.69
CA VAL A 137 16.18 -26.31 -21.36
C VAL A 137 14.68 -26.60 -21.22
N LYS A 138 14.36 -27.76 -20.69
CA LYS A 138 13.00 -28.14 -20.34
C LYS A 138 12.94 -28.22 -18.82
N MET A 139 11.98 -27.52 -18.24
CA MET A 139 12.03 -27.16 -16.82
C MET A 139 10.64 -26.71 -16.40
N PRO A 140 10.30 -26.84 -15.10
CA PRO A 140 8.93 -26.49 -14.65
C PRO A 140 8.58 -25.01 -14.78
N SER A 141 7.31 -24.77 -15.09
CA SER A 141 6.82 -23.41 -15.32
C SER A 141 6.69 -22.64 -14.02
N GLY A 142 6.35 -23.33 -12.92
CA GLY A 142 6.33 -22.69 -11.63
C GLY A 142 7.71 -22.26 -11.16
N GLU A 143 8.73 -23.05 -11.49
CA GLU A 143 10.12 -22.71 -11.17
C GLU A 143 10.58 -21.49 -11.95
N PHE A 144 10.27 -21.43 -13.25
CA PHE A 144 10.66 -20.29 -14.08
C PHE A 144 9.90 -19.02 -13.71
N ALA A 145 8.62 -19.18 -13.35
CA ALA A 145 7.81 -18.05 -12.89
C ALA A 145 8.32 -17.52 -11.55
N ARG A 146 8.73 -18.43 -10.66
CA ARG A 146 9.32 -18.05 -9.38
C ARG A 146 10.64 -17.33 -9.58
N ILE A 147 11.50 -17.84 -10.48
CA ILE A 147 12.83 -17.27 -10.74
C ILE A 147 12.71 -15.88 -11.33
N CYS A 148 11.82 -15.68 -12.31
CA CYS A 148 11.66 -14.36 -12.90
C CYS A 148 10.96 -13.39 -11.95
N ARG A 149 10.01 -13.89 -11.16
CA ARG A 149 9.27 -13.04 -10.21
C ARG A 149 10.16 -12.55 -9.09
N ASP A 150 11.13 -13.35 -8.62
CA ASP A 150 11.97 -12.83 -7.57
C ASP A 150 13.28 -12.22 -8.07
N LEU A 151 13.69 -12.51 -9.31
CA LEU A 151 14.83 -11.80 -9.86
C LEU A 151 14.46 -10.44 -10.40
N SER A 152 13.17 -10.18 -10.64
CA SER A 152 12.76 -8.83 -11.00
C SER A 152 12.83 -7.84 -9.84
N HIS A 153 12.87 -8.35 -8.60
CA HIS A 153 13.02 -7.48 -7.44
C HIS A 153 14.41 -6.88 -7.35
N ILE A 154 15.43 -7.60 -7.84
CA ILE A 154 16.80 -7.11 -7.75
C ILE A 154 17.06 -6.04 -8.80
N GLY A 155 16.85 -6.36 -10.08
CA GLY A 155 17.14 -5.43 -11.13
C GLY A 155 16.38 -5.67 -12.41
N ASP A 156 17.06 -5.46 -13.54
CA ASP A 156 16.45 -5.61 -14.86
C ASP A 156 17.17 -6.60 -15.75
N ALA A 157 18.44 -6.91 -15.48
CA ALA A 157 19.26 -7.73 -16.35
C ALA A 157 19.39 -9.13 -15.78
N VAL A 158 18.91 -10.12 -16.54
CA VAL A 158 19.17 -11.53 -16.25
C VAL A 158 20.11 -12.05 -17.32
N VAL A 159 21.25 -12.57 -16.90
CA VAL A 159 22.14 -13.30 -17.80
C VAL A 159 21.94 -14.79 -17.54
N ILE A 160 21.82 -15.56 -18.62
CA ILE A 160 21.49 -16.97 -18.51
C ILE A 160 22.70 -17.81 -18.91
N SER A 161 23.46 -18.27 -17.92
CA SER A 161 24.56 -19.19 -18.16
C SER A 161 24.02 -20.61 -18.16
N CYS A 162 24.58 -21.45 -19.04
CA CYS A 162 24.16 -22.85 -19.07
C CYS A 162 25.35 -23.72 -19.42
N ALA A 163 25.34 -24.93 -18.87
CA ALA A 163 26.34 -25.95 -19.16
C ALA A 163 25.66 -27.30 -19.02
N LYS A 164 26.45 -28.37 -18.91
CA LYS A 164 25.87 -29.70 -18.77
C LYS A 164 25.31 -29.93 -17.37
N ASP A 165 25.89 -29.29 -16.36
CA ASP A 165 25.46 -29.54 -14.98
C ASP A 165 24.15 -28.84 -14.64
N GLY A 166 23.88 -27.67 -15.22
CA GLY A 166 22.67 -26.95 -14.90
C GLY A 166 22.64 -25.61 -15.60
N VAL A 167 21.49 -24.95 -15.48
CA VAL A 167 21.29 -23.62 -16.02
C VAL A 167 21.42 -22.62 -14.88
N LYS A 168 22.02 -21.47 -15.15
CA LYS A 168 22.33 -20.47 -14.13
C LYS A 168 21.64 -19.16 -14.49
N PHE A 169 20.63 -18.79 -13.71
CA PHE A 169 19.92 -17.53 -13.90
C PHE A 169 20.53 -16.45 -13.02
N SER A 170 21.69 -15.97 -13.46
CA SER A 170 22.39 -14.92 -12.72
C SER A 170 21.78 -13.56 -13.05
N ALA A 171 21.66 -12.71 -12.02
CA ALA A 171 21.12 -11.37 -12.20
C ALA A 171 21.76 -10.44 -11.19
N SER A 172 22.04 -9.21 -11.62
CA SER A 172 22.63 -8.21 -10.76
C SER A 172 22.00 -6.86 -11.05
N GLY A 173 22.04 -5.99 -10.07
CA GLY A 173 21.46 -4.67 -10.23
C GLY A 173 21.73 -3.72 -9.08
N GLU A 174 20.73 -2.94 -8.70
CA GLU A 174 20.87 -1.92 -7.68
C GLU A 174 20.84 -2.47 -6.26
N LEU A 175 20.52 -3.75 -6.08
CA LEU A 175 20.33 -4.33 -4.77
C LEU A 175 21.36 -5.38 -4.43
N GLY A 176 21.66 -6.29 -5.35
CA GLY A 176 22.58 -7.36 -5.06
C GLY A 176 22.88 -8.16 -6.31
N ASN A 177 23.52 -9.30 -6.11
CA ASN A 177 23.92 -10.19 -7.20
C ASN A 177 23.21 -11.52 -6.92
N GLY A 178 22.07 -11.72 -7.57
CA GLY A 178 21.34 -12.96 -7.43
C GLY A 178 21.74 -13.99 -8.46
N ASN A 179 22.17 -15.17 -8.01
CA ASN A 179 22.72 -16.21 -8.87
C ASN A 179 21.95 -17.50 -8.62
N ILE A 180 20.84 -17.69 -9.33
CA ILE A 180 20.04 -18.90 -9.22
C ILE A 180 20.60 -19.92 -10.19
N LYS A 181 21.17 -21.00 -9.67
CA LYS A 181 21.59 -22.11 -10.51
C LYS A 181 20.62 -23.26 -10.32
N LEU A 182 20.58 -24.14 -11.32
CA LEU A 182 19.71 -25.30 -11.30
C LEU A 182 20.54 -26.55 -11.54
N SER A 183 19.88 -27.70 -11.57
CA SER A 183 20.52 -28.97 -11.83
C SER A 183 19.65 -29.78 -12.76
N GLN A 184 20.27 -30.47 -13.70
CA GLN A 184 19.54 -31.35 -14.62
C GLN A 184 19.19 -32.61 -13.82
N THR A 185 17.90 -32.85 -13.64
CA THR A 185 17.42 -33.97 -12.85
C THR A 185 16.63 -34.93 -13.73
N SER A 186 17.36 -35.88 -14.34
CA SER A 186 16.71 -36.90 -15.16
C SER A 186 16.24 -38.10 -14.36
N ASN A 187 16.58 -38.16 -13.06
CA ASN A 187 16.20 -39.28 -12.21
C ASN A 187 14.84 -39.12 -11.55
N VAL A 188 14.18 -37.97 -11.73
CA VAL A 188 12.87 -37.76 -11.13
C VAL A 188 11.82 -38.50 -11.95
N ASP A 189 10.99 -39.30 -11.26
CA ASP A 189 9.92 -40.03 -11.91
C ASP A 189 8.81 -39.10 -12.37
N LYS A 190 8.62 -37.97 -11.67
CA LYS A 190 7.70 -36.94 -12.12
C LYS A 190 8.29 -36.23 -13.34
N GLU A 191 7.66 -36.41 -14.50
CA GLU A 191 8.19 -35.88 -15.75
C GLU A 191 8.04 -34.37 -15.87
N GLU A 192 7.04 -33.78 -15.21
CA GLU A 192 6.89 -32.33 -15.24
C GLU A 192 7.91 -31.64 -14.34
N GLU A 193 8.46 -32.36 -13.36
CA GLU A 193 9.47 -31.83 -12.46
C GLU A 193 10.88 -32.06 -13.00
N ALA A 194 11.05 -33.04 -13.89
CA ALA A 194 12.36 -33.48 -14.37
C ALA A 194 12.97 -32.45 -15.30
N VAL A 195 14.00 -31.76 -14.82
CA VAL A 195 14.68 -30.74 -15.61
C VAL A 195 15.66 -31.43 -16.55
N THR A 196 15.45 -31.25 -17.86
CA THR A 196 16.27 -31.86 -18.89
C THR A 196 16.88 -30.76 -19.74
N ILE A 197 18.20 -30.84 -19.95
CA ILE A 197 18.95 -29.82 -20.68
C ILE A 197 19.63 -30.50 -21.86
N GLU A 198 19.37 -29.99 -23.07
CA GLU A 198 20.11 -30.39 -24.27
C GLU A 198 20.94 -29.20 -24.71
N MET A 199 22.26 -29.35 -24.64
CA MET A 199 23.19 -28.23 -24.82
C MET A 199 24.25 -28.62 -25.84
N ASN A 200 24.55 -27.69 -26.75
CA ASN A 200 25.62 -27.86 -27.72
C ASN A 200 26.84 -27.01 -27.35
N GLU A 201 26.66 -25.71 -27.18
CA GLU A 201 27.69 -24.80 -26.72
C GLU A 201 27.11 -23.95 -25.59
N PRO A 202 27.94 -23.53 -24.63
CA PRO A 202 27.44 -22.67 -23.55
C PRO A 202 27.07 -21.28 -24.04
N VAL A 203 26.04 -20.71 -23.42
CA VAL A 203 25.50 -19.41 -23.80
C VAL A 203 25.44 -18.53 -22.56
N GLN A 204 25.45 -17.20 -22.80
CA GLN A 204 25.38 -16.22 -21.72
C GLN A 204 24.81 -14.94 -22.34
N LEU A 205 23.51 -14.71 -22.14
CA LEU A 205 22.80 -13.63 -22.82
C LEU A 205 22.07 -12.76 -21.81
N THR A 206 22.31 -11.45 -21.86
CA THR A 206 21.60 -10.50 -21.04
C THR A 206 20.19 -10.28 -21.57
N PHE A 207 19.20 -10.35 -20.68
CA PHE A 207 17.81 -10.17 -21.05
C PHE A 207 17.14 -9.14 -20.16
N ALA A 208 16.06 -8.55 -20.67
CA ALA A 208 15.22 -7.68 -19.88
C ALA A 208 14.34 -8.52 -18.96
N LEU A 209 13.71 -7.84 -17.98
CA LEU A 209 12.96 -8.55 -16.96
C LEU A 209 11.49 -8.22 -16.88
N ARG A 210 11.05 -7.02 -17.26
CA ARG A 210 9.63 -6.74 -17.26
C ARG A 210 8.93 -7.43 -18.43
N TYR A 211 9.59 -7.46 -19.60
CA TYR A 211 9.07 -8.19 -20.74
C TYR A 211 9.12 -9.69 -20.51
N LEU A 212 10.15 -10.16 -19.80
CA LEU A 212 10.24 -11.58 -19.50
C LEU A 212 9.28 -11.97 -18.38
N ASN A 213 8.92 -11.03 -17.50
CA ASN A 213 7.85 -11.25 -16.52
C ASN A 213 6.49 -11.36 -17.19
N PHE A 214 6.24 -10.50 -18.18
CA PHE A 214 5.04 -10.61 -19.02
C PHE A 214 5.05 -11.91 -19.83
N PHE A 215 6.25 -12.40 -20.17
CA PHE A 215 6.38 -13.68 -20.87
C PHE A 215 6.07 -14.84 -19.94
N THR A 216 6.53 -14.78 -18.70
CA THR A 216 6.34 -15.89 -17.77
C THR A 216 5.03 -15.81 -17.01
N LYS A 217 4.20 -14.79 -17.27
CA LYS A 217 2.83 -14.78 -16.79
C LYS A 217 1.87 -15.65 -17.62
N ALA A 218 2.38 -16.47 -18.53
CA ALA A 218 1.65 -17.55 -19.22
C ALA A 218 1.83 -18.88 -18.52
N THR A 219 1.92 -18.87 -17.18
CA THR A 219 2.25 -20.04 -16.39
C THR A 219 1.27 -21.22 -16.48
N PRO A 220 -0.03 -21.11 -16.17
CA PRO A 220 -0.80 -22.34 -15.96
C PRO A 220 -1.34 -22.99 -17.22
N LEU A 221 -0.87 -22.60 -18.41
CA LEU A 221 -1.16 -23.38 -19.62
C LEU A 221 -0.47 -24.73 -19.58
N SER A 222 0.83 -24.74 -19.29
CA SER A 222 1.62 -25.96 -19.33
C SER A 222 2.46 -26.06 -18.08
N SER A 223 2.78 -27.29 -17.68
CA SER A 223 3.65 -27.49 -16.53
C SER A 223 5.10 -27.19 -16.87
N THR A 224 5.49 -27.32 -18.13
CA THR A 224 6.88 -27.22 -18.53
C THR A 224 7.10 -26.03 -19.45
N VAL A 225 8.33 -25.51 -19.45
CA VAL A 225 8.76 -24.44 -20.33
C VAL A 225 9.87 -25.00 -21.22
N THR A 226 9.68 -24.93 -22.54
CA THR A 226 10.73 -25.30 -23.49
C THR A 226 11.48 -24.02 -23.83
N LEU A 227 12.32 -23.59 -22.89
CA LEU A 227 13.10 -22.38 -23.06
C LEU A 227 14.35 -22.68 -23.89
N SER A 228 14.46 -22.02 -25.04
CA SER A 228 15.58 -22.25 -25.95
C SER A 228 16.14 -20.92 -26.44
N MET A 229 17.45 -20.88 -26.61
CA MET A 229 18.12 -19.69 -27.12
C MET A 229 19.42 -20.10 -27.79
N SER A 230 19.96 -19.19 -28.59
CA SER A 230 21.26 -19.38 -29.25
C SER A 230 22.16 -18.20 -28.91
N ALA A 231 23.29 -18.07 -29.62
CA ALA A 231 24.29 -17.07 -29.27
C ALA A 231 23.83 -15.65 -29.59
N ASP A 232 23.18 -15.46 -30.74
CA ASP A 232 22.67 -14.15 -31.11
C ASP A 232 21.19 -14.17 -31.51
N VAL A 233 20.61 -15.34 -31.72
CA VAL A 233 19.18 -15.50 -31.99
C VAL A 233 18.39 -15.12 -30.75
N PRO A 234 17.25 -14.42 -30.88
CA PRO A 234 16.44 -14.08 -29.69
C PRO A 234 15.85 -15.29 -28.97
N LEU A 235 15.56 -15.08 -27.70
CA LEU A 235 15.12 -16.12 -26.78
C LEU A 235 13.72 -16.62 -27.13
N VAL A 236 13.49 -17.91 -26.90
CA VAL A 236 12.20 -18.55 -27.12
C VAL A 236 11.67 -19.01 -25.77
N VAL A 237 10.51 -18.51 -25.39
CA VAL A 237 9.81 -18.96 -24.20
C VAL A 237 8.58 -19.72 -24.70
N GLU A 238 8.65 -21.05 -24.69
CA GLU A 238 7.64 -21.88 -25.31
C GLU A 238 6.80 -22.60 -24.26
N TYR A 239 5.48 -22.46 -24.38
CA TYR A 239 4.52 -23.16 -23.53
C TYR A 239 3.78 -24.18 -24.39
N LYS A 240 4.26 -25.42 -24.37
CA LYS A 240 3.66 -26.49 -25.15
C LYS A 240 2.36 -26.92 -24.45
N ILE A 241 1.23 -26.41 -24.95
CA ILE A 241 -0.07 -26.78 -24.42
C ILE A 241 -0.38 -28.22 -24.79
N ALA A 242 -1.09 -28.93 -23.91
CA ALA A 242 -1.32 -30.36 -24.03
C ALA A 242 -2.26 -30.66 -25.19
N ASP A 243 -1.65 -31.07 -26.32
CA ASP A 243 -2.32 -31.39 -27.59
C ASP A 243 -3.17 -30.24 -28.12
N MET A 244 -2.66 -29.03 -27.98
CA MET A 244 -3.32 -27.83 -28.49
C MET A 244 -2.44 -26.95 -29.36
N GLY A 245 -1.12 -26.99 -29.18
CA GLY A 245 -0.18 -26.13 -29.85
C GLY A 245 0.79 -25.56 -28.85
N HIS A 246 1.49 -24.50 -29.24
CA HIS A 246 2.46 -23.86 -28.38
C HIS A 246 2.25 -22.35 -28.38
N LEU A 247 2.56 -21.73 -27.25
CA LEU A 247 2.59 -20.28 -27.12
C LEU A 247 4.04 -19.87 -27.02
N LYS A 248 4.63 -19.46 -28.14
CA LYS A 248 6.03 -19.09 -28.20
C LYS A 248 6.18 -17.58 -28.06
N TYR A 249 7.09 -17.17 -27.20
CA TYR A 249 7.42 -15.77 -27.00
C TYR A 249 8.82 -15.50 -27.54
N TYR A 250 9.07 -14.28 -27.98
CA TYR A 250 10.36 -13.92 -28.56
C TYR A 250 10.93 -12.71 -27.83
N LEU A 251 12.13 -12.86 -27.27
CA LEU A 251 12.81 -11.80 -26.53
C LEU A 251 14.19 -11.57 -27.11
N ALA A 252 14.42 -10.38 -27.64
CA ALA A 252 15.74 -10.03 -28.13
C ALA A 252 16.69 -9.80 -26.96
N PRO A 253 17.90 -10.34 -27.00
CA PRO A 253 18.87 -10.09 -25.93
C PRO A 253 19.41 -8.68 -25.99
N LYS A 254 19.90 -8.21 -24.84
CA LYS A 254 20.43 -6.86 -24.69
C LYS A 254 21.94 -6.81 -24.92
N ILE A 255 22.37 -7.37 -26.07
CA ILE A 255 23.75 -7.56 -26.57
C ILE A 255 24.82 -7.91 -25.54
N MET B 1 34.36 -13.53 8.53
CA MET B 1 34.23 -14.90 8.06
C MET B 1 33.11 -15.58 8.84
N PHE B 2 31.89 -15.47 8.29
CA PHE B 2 30.67 -15.86 8.98
C PHE B 2 29.89 -16.82 8.10
N GLU B 3 29.39 -17.90 8.70
CA GLU B 3 28.62 -18.89 7.95
C GLU B 3 27.62 -19.54 8.89
N ALA B 4 26.32 -19.33 8.62
CA ALA B 4 25.25 -19.92 9.42
C ALA B 4 24.30 -20.65 8.49
N ARG B 5 24.10 -21.94 8.74
CA ARG B 5 23.21 -22.78 7.93
C ARG B 5 22.01 -23.19 8.77
N LEU B 6 20.82 -22.95 8.24
CA LEU B 6 19.57 -23.21 8.94
C LEU B 6 18.89 -24.44 8.35
N VAL B 7 18.50 -25.38 9.21
CA VAL B 7 17.86 -26.60 8.73
C VAL B 7 16.37 -26.41 8.49
N GLN B 8 15.78 -25.33 8.99
CA GLN B 8 14.50 -24.84 8.46
C GLN B 8 14.70 -23.38 8.07
N GLY B 9 14.14 -23.00 6.91
CA GLY B 9 14.46 -21.71 6.35
C GLY B 9 13.36 -20.67 6.41
N SER B 10 12.14 -21.10 6.71
CA SER B 10 11.00 -20.17 6.71
C SER B 10 11.00 -19.23 7.91
N ILE B 11 11.79 -19.53 8.94
CA ILE B 11 11.81 -18.70 10.14
C ILE B 11 12.48 -17.36 9.87
N LEU B 12 13.57 -17.34 9.08
CA LEU B 12 14.19 -16.08 8.68
C LEU B 12 13.31 -15.30 7.70
N LYS B 13 12.51 -15.99 6.90
CA LYS B 13 11.52 -15.34 6.05
C LYS B 13 10.45 -14.66 6.89
N LYS B 14 10.01 -15.31 7.97
CA LYS B 14 9.03 -14.74 8.89
C LYS B 14 9.63 -13.55 9.66
N VAL B 15 10.92 -13.63 10.01
CA VAL B 15 11.62 -12.53 10.68
C VAL B 15 11.73 -11.32 9.76
N LEU B 16 12.08 -11.53 8.49
CA LEU B 16 12.16 -10.40 7.56
C LEU B 16 10.79 -9.86 7.16
N GLU B 17 9.76 -10.70 7.14
CA GLU B 17 8.40 -10.19 6.94
C GLU B 17 7.91 -9.43 8.17
N ALA B 18 8.41 -9.79 9.35
CA ALA B 18 8.10 -9.05 10.56
C ALA B 18 8.84 -7.72 10.61
N LEU B 19 10.06 -7.70 10.09
CA LEU B 19 10.97 -6.57 10.25
C LEU B 19 11.06 -5.71 9.00
N LYS B 20 10.25 -5.99 7.98
CA LYS B 20 10.26 -5.16 6.77
C LYS B 20 9.61 -3.81 7.02
N ASP B 21 8.35 -3.82 7.43
CA ASP B 21 7.56 -2.60 7.51
C ASP B 21 7.86 -1.75 8.74
N LEU B 22 8.60 -2.27 9.71
CA LEU B 22 8.86 -1.53 10.93
C LEU B 22 10.14 -0.70 10.82
N ILE B 23 11.27 -1.36 10.62
CA ILE B 23 12.58 -0.74 10.56
C ILE B 23 13.25 -1.10 9.24
N ASN B 24 14.20 -0.27 8.83
CA ASN B 24 14.86 -0.48 7.54
C ASN B 24 16.37 -0.48 7.71
N GLU B 25 16.86 0.27 8.68
CA GLU B 25 18.29 0.39 8.94
C GLU B 25 18.58 -0.38 10.22
N ALA B 26 18.95 -1.65 10.08
CA ALA B 26 19.25 -2.50 11.22
C ALA B 26 20.62 -3.12 11.05
N CYS B 27 21.36 -3.22 12.16
CA CYS B 27 22.71 -3.77 12.14
C CYS B 27 22.71 -5.09 12.90
N TRP B 28 23.20 -6.14 12.24
CA TRP B 28 23.15 -7.50 12.79
C TRP B 28 24.36 -7.72 13.69
N ASP B 29 24.13 -7.72 15.00
CA ASP B 29 25.20 -8.00 15.96
C ASP B 29 25.47 -9.50 15.99
N ILE B 30 26.34 -9.98 15.11
CA ILE B 30 26.61 -11.40 15.00
C ILE B 30 27.84 -11.74 15.84
N SER B 31 27.65 -12.61 16.83
CA SER B 31 28.72 -13.08 17.69
C SER B 31 28.92 -14.58 17.48
N SER B 32 29.86 -15.15 18.22
CA SER B 32 30.08 -16.59 18.15
C SER B 32 29.01 -17.38 18.92
N SER B 33 28.34 -16.73 19.88
CA SER B 33 27.33 -17.40 20.69
C SER B 33 25.92 -17.21 20.15
N GLY B 34 25.75 -16.50 19.05
CA GLY B 34 24.43 -16.33 18.47
C GLY B 34 24.40 -15.17 17.50
N VAL B 35 23.21 -14.92 16.98
CA VAL B 35 22.95 -13.83 16.05
C VAL B 35 21.96 -12.88 16.72
N ASN B 36 22.35 -11.62 16.86
CA ASN B 36 21.51 -10.62 17.51
C ASN B 36 21.21 -9.47 16.57
N LEU B 37 20.01 -8.90 16.73
CA LEU B 37 19.62 -7.67 16.05
C LEU B 37 18.98 -6.77 17.11
N GLN B 38 19.78 -5.89 17.69
CA GLN B 38 19.27 -4.84 18.57
C GLN B 38 19.15 -3.60 17.70
N SER B 39 17.91 -3.20 17.40
CA SER B 39 17.67 -2.06 16.54
C SER B 39 16.36 -1.41 16.92
N MET B 40 16.09 -0.27 16.30
CA MET B 40 15.10 0.68 16.82
C MET B 40 14.49 1.42 15.64
N ASP B 41 13.25 1.87 15.82
CA ASP B 41 12.55 2.66 14.83
C ASP B 41 13.24 4.01 14.61
N SER B 42 13.03 4.57 13.41
CA SER B 42 13.68 5.82 13.03
C SER B 42 13.13 7.01 13.79
N SER B 43 11.88 6.94 14.24
CA SER B 43 11.28 7.98 15.05
C SER B 43 11.30 7.67 16.54
N HIS B 44 12.09 6.66 16.94
CA HIS B 44 12.39 6.31 18.34
C HIS B 44 11.15 5.89 19.12
N VAL B 45 10.22 5.21 18.46
CA VAL B 45 9.00 4.76 19.13
C VAL B 45 9.08 3.29 19.51
N SER B 46 9.59 2.45 18.61
CA SER B 46 9.56 1.01 18.80
C SER B 46 10.96 0.42 18.63
N LEU B 47 11.21 -0.66 19.36
CA LEU B 47 12.50 -1.34 19.36
C LEU B 47 12.32 -2.80 18.99
N VAL B 48 13.30 -3.33 18.25
CA VAL B 48 13.32 -4.72 17.81
C VAL B 48 14.53 -5.39 18.45
N GLN B 49 14.31 -6.50 19.14
CA GLN B 49 15.39 -7.23 19.79
C GLN B 49 15.32 -8.70 19.34
N LEU B 50 15.94 -8.99 18.20
CA LEU B 50 15.99 -10.34 17.68
C LEU B 50 17.19 -11.08 18.28
N THR B 51 16.97 -12.33 18.70
CA THR B 51 18.04 -13.17 19.20
C THR B 51 17.89 -14.55 18.61
N LEU B 52 18.87 -14.95 17.80
CA LEU B 52 18.92 -16.29 17.21
C LEU B 52 20.20 -16.95 17.71
N ARG B 53 20.05 -17.96 18.56
CA ARG B 53 21.20 -18.57 19.21
C ARG B 53 21.81 -19.66 18.34
N SER B 54 22.80 -20.36 18.90
CA SER B 54 23.57 -21.33 18.15
C SER B 54 22.95 -22.73 18.13
N GLU B 55 22.01 -23.01 19.03
CA GLU B 55 21.48 -24.38 19.14
C GLU B 55 20.52 -24.74 18.02
N GLY B 56 19.93 -23.76 17.34
CA GLY B 56 18.98 -24.07 16.29
C GLY B 56 19.54 -24.08 14.89
N PHE B 57 20.67 -23.40 14.70
CA PHE B 57 21.36 -23.47 13.42
C PHE B 57 22.00 -24.84 13.25
N ASP B 58 21.91 -25.38 12.03
CA ASP B 58 22.50 -26.69 11.74
C ASP B 58 24.01 -26.60 11.70
N THR B 59 24.55 -25.55 11.09
CA THR B 59 26.00 -25.32 11.03
C THR B 59 26.23 -23.83 11.28
N TYR B 60 26.42 -23.47 12.56
CA TYR B 60 26.77 -22.12 12.93
C TYR B 60 28.28 -22.05 13.18
N ARG B 61 28.94 -21.10 12.51
CA ARG B 61 30.39 -20.98 12.62
C ARG B 61 30.74 -19.53 12.31
N CYS B 62 30.98 -18.75 13.36
CA CYS B 62 31.40 -17.36 13.24
C CYS B 62 32.52 -17.11 14.22
N ASP B 63 33.68 -16.68 13.71
CA ASP B 63 34.87 -16.56 14.53
C ASP B 63 34.87 -15.29 15.37
N ARG B 64 34.85 -14.15 14.72
CA ARG B 64 34.91 -12.86 15.42
C ARG B 64 33.52 -12.26 15.55
N ASN B 65 33.40 -11.27 16.44
CA ASN B 65 32.13 -10.60 16.69
C ASN B 65 31.92 -9.49 15.66
N LEU B 66 31.63 -9.92 14.44
CA LEU B 66 31.47 -9.00 13.33
C LEU B 66 30.03 -8.51 13.23
N ALA B 67 29.88 -7.22 12.92
CA ALA B 67 28.57 -6.59 12.81
C ALA B 67 28.37 -6.12 11.38
N MET B 68 27.29 -6.57 10.75
CA MET B 68 26.91 -6.12 9.42
C MET B 68 25.58 -5.39 9.49
N GLY B 69 25.39 -4.42 8.60
CA GLY B 69 24.13 -3.69 8.56
C GLY B 69 23.51 -3.61 7.18
N VAL B 70 22.36 -4.25 7.00
CA VAL B 70 21.74 -4.35 5.70
C VAL B 70 20.59 -3.37 5.60
N ASN B 71 20.04 -3.22 4.40
CA ASN B 71 18.72 -2.62 4.20
C ASN B 71 17.70 -3.73 4.38
N LEU B 72 16.82 -3.58 5.36
CA LEU B 72 15.90 -4.66 5.68
C LEU B 72 14.76 -4.80 4.68
N THR B 73 14.49 -3.77 3.89
CA THR B 73 13.63 -3.94 2.72
C THR B 73 14.32 -4.80 1.67
N SER B 74 15.63 -4.57 1.46
CA SER B 74 16.40 -5.35 0.51
C SER B 74 16.60 -6.79 0.97
N MET B 75 16.91 -6.97 2.26
CA MET B 75 17.03 -8.32 2.81
C MET B 75 15.67 -9.01 2.90
N SER B 76 14.59 -8.23 3.04
CA SER B 76 13.24 -8.80 2.99
C SER B 76 12.89 -9.27 1.59
N LYS B 77 13.37 -8.56 0.56
CA LYS B 77 13.20 -9.03 -0.81
C LYS B 77 14.04 -10.29 -1.08
N ILE B 78 15.24 -10.35 -0.50
CA ILE B 78 16.11 -11.52 -0.67
C ILE B 78 15.51 -12.74 0.06
N LEU B 79 14.92 -12.52 1.23
CA LEU B 79 14.23 -13.62 1.90
C LEU B 79 12.89 -13.93 1.24
N LYS B 80 12.32 -13.00 0.48
CA LYS B 80 11.20 -13.34 -0.37
C LYS B 80 11.63 -14.09 -1.63
N CYS B 81 12.92 -14.05 -1.98
CA CYS B 81 13.40 -14.89 -3.08
C CYS B 81 13.48 -16.37 -2.71
N ALA B 82 13.44 -16.76 -1.44
CA ALA B 82 13.51 -18.14 -1.03
C ALA B 82 12.11 -18.69 -0.80
N GLY B 83 11.93 -19.98 -1.07
CA GLY B 83 10.69 -20.65 -0.76
C GLY B 83 10.61 -21.02 0.70
N ASN B 84 9.47 -21.58 1.08
CA ASN B 84 9.18 -21.87 2.48
C ASN B 84 9.93 -23.09 3.01
N GLU B 85 10.52 -23.91 2.16
CA GLU B 85 11.27 -25.08 2.59
C GLU B 85 12.74 -25.03 2.22
N ASP B 86 13.24 -23.88 1.75
CA ASP B 86 14.62 -23.80 1.29
C ASP B 86 15.60 -23.77 2.45
N ILE B 87 16.65 -24.59 2.35
CA ILE B 87 17.73 -24.58 3.33
C ILE B 87 18.57 -23.32 3.11
N ILE B 88 18.57 -22.44 4.10
CA ILE B 88 19.21 -21.14 3.96
C ILE B 88 20.56 -21.20 4.65
N THR B 89 21.62 -20.98 3.89
CA THR B 89 22.99 -20.91 4.41
C THR B 89 23.45 -19.48 4.28
N LEU B 90 23.62 -18.80 5.41
CA LEU B 90 24.23 -17.48 5.40
C LEU B 90 25.72 -17.63 5.17
N ARG B 91 26.31 -16.60 4.56
CA ARG B 91 27.72 -16.64 4.18
C ARG B 91 28.28 -15.23 4.11
N ALA B 92 29.40 -15.01 4.80
CA ALA B 92 30.06 -13.70 4.77
C ALA B 92 31.54 -13.90 5.01
N GLU B 93 32.32 -12.89 4.62
CA GLU B 93 33.77 -12.88 4.81
C GLU B 93 34.14 -11.78 5.80
N ASP B 94 35.44 -11.69 6.09
CA ASP B 94 35.95 -10.70 7.02
C ASP B 94 35.97 -9.33 6.35
N ASN B 95 35.22 -8.39 6.92
CA ASN B 95 35.01 -7.01 6.43
C ASN B 95 34.50 -7.00 4.99
N ALA B 96 33.58 -7.90 4.68
CA ALA B 96 33.07 -8.03 3.32
C ALA B 96 31.96 -7.03 3.06
N ASP B 97 31.94 -6.50 1.83
CA ASP B 97 30.89 -5.57 1.44
C ASP B 97 29.62 -6.27 0.97
N THR B 98 29.68 -7.60 0.76
CA THR B 98 28.55 -8.35 0.28
C THR B 98 28.19 -9.46 1.26
N LEU B 99 26.89 -9.64 1.49
CA LEU B 99 26.38 -10.76 2.28
C LEU B 99 25.83 -11.80 1.32
N ALA B 100 26.36 -13.02 1.41
CA ALA B 100 25.97 -14.10 0.52
C ALA B 100 24.94 -14.99 1.22
N LEU B 101 23.85 -15.26 0.52
CA LEU B 101 22.80 -16.14 1.02
C LEU B 101 22.63 -17.28 0.04
N VAL B 102 22.77 -18.50 0.53
CA VAL B 102 22.67 -19.70 -0.30
C VAL B 102 21.37 -20.40 0.07
N PHE B 103 20.38 -20.31 -0.79
CA PHE B 103 19.08 -20.94 -0.56
C PHE B 103 19.10 -22.31 -1.20
N GLU B 104 19.58 -23.30 -0.46
CA GLU B 104 19.63 -24.66 -0.98
C GLU B 104 18.24 -25.27 -0.98
N ALA B 105 17.90 -25.92 -2.09
CA ALA B 105 16.63 -26.62 -2.18
C ALA B 105 16.65 -27.88 -1.30
N PRO B 106 15.51 -28.22 -0.69
CA PRO B 106 15.48 -29.46 0.12
C PRO B 106 15.55 -30.72 -0.70
N ASN B 107 15.08 -30.69 -1.95
CA ASN B 107 15.19 -31.82 -2.87
C ASN B 107 16.33 -31.63 -3.88
N GLN B 108 17.16 -30.59 -3.68
CA GLN B 108 18.47 -30.39 -4.33
C GLN B 108 18.38 -30.26 -5.86
N GLU B 109 17.65 -29.22 -6.29
CA GLU B 109 17.69 -28.82 -7.69
C GLU B 109 17.73 -27.30 -7.87
N LYS B 110 17.75 -26.52 -6.80
CA LYS B 110 17.77 -25.05 -6.90
C LYS B 110 18.69 -24.54 -5.80
N VAL B 111 19.96 -24.34 -6.13
CA VAL B 111 20.93 -23.75 -5.22
C VAL B 111 21.18 -22.32 -5.65
N SER B 112 20.42 -21.39 -5.09
CA SER B 112 20.41 -20.01 -5.56
C SER B 112 21.29 -19.16 -4.66
N ASP B 113 22.45 -18.78 -5.17
CA ASP B 113 23.35 -17.88 -4.45
C ASP B 113 22.76 -16.48 -4.55
N TYR B 114 23.00 -15.67 -3.52
CA TYR B 114 22.43 -14.32 -3.47
C TYR B 114 23.42 -13.41 -2.75
N GLU B 115 24.25 -12.70 -3.52
CA GLU B 115 25.24 -11.78 -2.97
C GLU B 115 24.60 -10.42 -2.79
N MET B 116 23.98 -10.21 -1.63
CA MET B 116 23.39 -8.91 -1.32
C MET B 116 24.47 -8.00 -0.74
N LYS B 117 24.64 -6.82 -1.32
CA LYS B 117 25.65 -5.89 -0.84
C LYS B 117 25.19 -5.20 0.44
N LEU B 118 26.17 -4.73 1.21
CA LEU B 118 25.93 -4.07 2.48
C LEU B 118 25.83 -2.55 2.27
N MET B 119 25.83 -1.81 3.38
CA MET B 119 26.06 -0.38 3.36
C MET B 119 26.72 0.03 4.67
N ASP B 120 27.37 1.18 4.65
CA ASP B 120 27.93 1.76 5.87
C ASP B 120 26.79 2.26 6.75
N LEU B 121 26.67 1.68 7.94
CA LEU B 121 25.47 1.85 8.74
C LEU B 121 25.82 1.71 10.21
N ASP B 122 25.31 2.63 11.03
CA ASP B 122 25.42 2.51 12.48
C ASP B 122 24.04 2.63 13.14
N VAL B 123 23.82 1.79 14.14
CA VAL B 123 22.63 1.80 14.97
C VAL B 123 23.10 1.85 16.42
N GLU B 124 22.58 2.82 17.17
CA GLU B 124 22.88 2.87 18.60
C GLU B 124 22.18 1.72 19.33
N GLN B 125 22.84 1.23 20.37
CA GLN B 125 22.35 0.08 21.14
C GLN B 125 21.84 0.56 22.48
N LEU B 126 20.60 0.23 22.78
CA LEU B 126 19.96 0.60 24.04
C LEU B 126 19.83 -0.65 24.90
N GLY B 127 20.55 -0.67 26.01
CA GLY B 127 20.59 -1.84 26.86
C GLY B 127 19.35 -2.00 27.73
N ILE B 128 18.62 -3.08 27.51
CA ILE B 128 17.46 -3.40 28.32
C ILE B 128 17.94 -4.18 29.55
N PRO B 129 17.74 -3.67 30.76
CA PRO B 129 18.10 -4.45 31.95
C PRO B 129 17.14 -5.59 32.18
N GLU B 130 17.66 -6.65 32.81
CA GLU B 130 16.83 -7.80 33.15
C GLU B 130 15.97 -7.45 34.35
N GLN B 131 14.67 -7.30 34.11
CA GLN B 131 13.75 -6.82 35.13
C GLN B 131 12.52 -7.72 35.19
N GLU B 132 11.86 -7.70 36.34
CA GLU B 132 10.63 -8.45 36.53
C GLU B 132 9.46 -7.57 36.10
N TYR B 133 8.63 -8.09 35.20
CA TYR B 133 7.47 -7.38 34.71
C TYR B 133 6.23 -7.83 35.46
N SER B 134 5.29 -6.90 35.65
CA SER B 134 4.10 -7.20 36.43
C SER B 134 3.08 -7.97 35.60
N CYS B 135 2.57 -7.36 34.53
CA CYS B 135 1.59 -8.02 33.67
C CYS B 135 2.34 -8.82 32.63
N VAL B 136 2.72 -10.05 32.99
CA VAL B 136 3.29 -11.01 32.06
C VAL B 136 2.15 -11.91 31.61
N VAL B 137 1.70 -11.73 30.38
CA VAL B 137 0.65 -12.59 29.83
C VAL B 137 1.17 -13.33 28.61
N LYS B 138 0.84 -14.62 28.54
CA LYS B 138 1.20 -15.50 27.43
C LYS B 138 -0.09 -15.93 26.75
N MET B 139 -0.22 -15.62 25.46
CA MET B 139 -1.54 -15.63 24.84
C MET B 139 -1.34 -15.88 23.36
N PRO B 140 -2.35 -16.42 22.64
CA PRO B 140 -2.15 -16.83 21.24
C PRO B 140 -1.88 -15.67 20.27
N SER B 141 -1.11 -15.98 19.23
CA SER B 141 -0.51 -14.95 18.39
C SER B 141 -1.45 -14.49 17.28
N GLY B 142 -2.17 -15.43 16.66
CA GLY B 142 -3.22 -15.04 15.72
C GLY B 142 -4.37 -14.33 16.39
N GLU B 143 -4.63 -14.69 17.66
CA GLU B 143 -5.53 -13.92 18.51
C GLU B 143 -5.01 -12.51 18.74
N PHE B 144 -3.69 -12.34 18.92
CA PHE B 144 -3.11 -11.00 19.08
C PHE B 144 -3.19 -10.20 17.79
N ALA B 145 -3.06 -10.88 16.65
CA ALA B 145 -3.26 -10.23 15.36
C ALA B 145 -4.69 -9.77 15.18
N ARG B 146 -5.64 -10.58 15.64
CA ARG B 146 -7.05 -10.19 15.63
C ARG B 146 -7.32 -9.00 16.54
N ILE B 147 -6.71 -8.97 17.73
CA ILE B 147 -6.92 -7.88 18.68
C ILE B 147 -6.32 -6.58 18.16
N CYS B 148 -5.08 -6.63 17.65
CA CYS B 148 -4.40 -5.44 17.18
C CYS B 148 -5.00 -4.90 15.88
N ARG B 149 -5.38 -5.79 14.95
CA ARG B 149 -5.99 -5.33 13.70
C ARG B 149 -7.40 -4.82 13.92
N ASP B 150 -8.21 -5.51 14.72
CA ASP B 150 -9.58 -5.11 14.95
C ASP B 150 -9.71 -3.94 15.91
N LEU B 151 -8.67 -3.61 16.67
CA LEU B 151 -8.69 -2.36 17.41
C LEU B 151 -7.99 -1.22 16.69
N SER B 152 -7.10 -1.52 15.73
CA SER B 152 -6.57 -0.49 14.84
C SER B 152 -7.57 -0.09 13.78
N HIS B 153 -8.60 -0.90 13.55
CA HIS B 153 -9.76 -0.44 12.80
C HIS B 153 -10.47 0.69 13.54
N ILE B 154 -10.55 0.59 14.87
CA ILE B 154 -11.34 1.53 15.66
C ILE B 154 -10.62 2.87 15.81
N GLY B 155 -9.48 2.85 16.47
CA GLY B 155 -8.78 4.09 16.78
C GLY B 155 -7.28 4.01 16.62
N ASP B 156 -6.55 4.88 17.33
CA ASP B 156 -5.10 4.93 17.27
C ASP B 156 -4.43 4.55 18.58
N ALA B 157 -5.20 4.20 19.62
CA ALA B 157 -4.61 3.91 20.91
C ALA B 157 -5.37 2.77 21.58
N VAL B 158 -4.62 1.85 22.18
CA VAL B 158 -5.18 0.72 22.92
C VAL B 158 -4.77 0.86 24.38
N VAL B 159 -5.76 0.92 25.27
CA VAL B 159 -5.54 1.08 26.69
C VAL B 159 -5.67 -0.30 27.32
N ILE B 160 -4.55 -0.97 27.53
CA ILE B 160 -4.55 -2.34 28.03
C ILE B 160 -4.77 -2.33 29.54
N SER B 161 -5.76 -3.08 30.01
CA SER B 161 -5.99 -3.28 31.44
C SER B 161 -5.66 -4.72 31.81
N CYS B 162 -4.77 -4.88 32.79
CA CYS B 162 -4.44 -6.20 33.33
C CYS B 162 -5.05 -6.34 34.71
N ALA B 163 -5.67 -7.49 34.95
CA ALA B 163 -6.25 -7.80 36.25
C ALA B 163 -6.04 -9.28 36.51
N LYS B 164 -6.68 -9.77 37.58
CA LYS B 164 -6.53 -11.19 37.92
C LYS B 164 -7.36 -12.07 37.00
N ASP B 165 -8.58 -11.63 36.66
CA ASP B 165 -9.48 -12.47 35.89
C ASP B 165 -9.11 -12.54 34.41
N GLY B 166 -8.60 -11.45 33.84
CA GLY B 166 -8.24 -11.45 32.44
C GLY B 166 -7.68 -10.11 32.02
N VAL B 167 -7.06 -10.11 30.85
CA VAL B 167 -6.49 -8.91 30.25
C VAL B 167 -7.56 -8.24 29.40
N LYS B 168 -7.57 -6.90 29.40
CA LYS B 168 -8.63 -6.13 28.76
C LYS B 168 -8.00 -5.14 27.78
N PHE B 169 -8.19 -5.37 26.49
CA PHE B 169 -7.71 -4.46 25.46
C PHE B 169 -8.85 -3.51 25.10
N SER B 170 -8.68 -2.23 25.41
CA SER B 170 -9.71 -1.22 25.18
C SER B 170 -9.16 -0.15 24.25
N ALA B 171 -9.87 0.12 23.16
CA ALA B 171 -9.49 1.15 22.21
C ALA B 171 -10.65 2.11 22.00
N SER B 172 -10.36 3.39 21.96
CA SER B 172 -11.37 4.42 21.79
C SER B 172 -11.03 5.29 20.59
N GLY B 173 -12.06 5.85 19.99
CA GLY B 173 -11.86 6.71 18.84
C GLY B 173 -13.17 7.34 18.41
N GLU B 174 -13.14 7.99 17.25
CA GLU B 174 -14.35 8.59 16.70
C GLU B 174 -15.27 7.54 16.10
N LEU B 175 -14.75 6.34 15.80
CA LEU B 175 -15.52 5.33 15.10
C LEU B 175 -16.52 4.65 16.03
N GLY B 176 -16.12 4.42 17.28
CA GLY B 176 -16.95 3.76 18.27
C GLY B 176 -16.23 3.70 19.60
N ASN B 177 -16.36 2.58 20.31
CA ASN B 177 -15.67 2.41 21.59
C ASN B 177 -15.42 0.91 21.76
N GLY B 178 -14.22 0.48 21.36
CA GLY B 178 -13.88 -0.93 21.48
C GLY B 178 -13.46 -1.27 22.90
N ASN B 179 -13.81 -2.49 23.33
CA ASN B 179 -13.47 -2.95 24.67
C ASN B 179 -13.44 -4.48 24.60
N ILE B 180 -12.25 -5.06 24.50
CA ILE B 180 -12.12 -6.50 24.36
C ILE B 180 -11.54 -7.06 25.64
N LYS B 181 -12.34 -7.86 26.35
CA LYS B 181 -11.87 -8.58 27.53
C LYS B 181 -11.40 -9.95 27.08
N LEU B 182 -10.18 -10.32 27.45
CA LEU B 182 -9.61 -11.62 27.11
C LEU B 182 -9.30 -12.34 28.41
N SER B 183 -10.16 -13.29 28.78
CA SER B 183 -10.10 -13.90 30.10
C SER B 183 -9.07 -15.02 30.13
N GLN B 184 -8.85 -15.54 31.35
CA GLN B 184 -7.89 -16.62 31.56
C GLN B 184 -8.53 -17.96 31.29
N THR B 185 -7.81 -18.82 30.56
CA THR B 185 -8.30 -20.16 30.28
C THR B 185 -8.19 -21.04 31.52
N SER B 186 -9.27 -21.76 31.83
CA SER B 186 -9.29 -22.68 32.95
C SER B 186 -9.48 -24.14 32.54
N ASN B 187 -9.84 -24.39 31.28
CA ASN B 187 -10.11 -25.75 30.81
C ASN B 187 -9.10 -26.26 29.81
N VAL B 188 -8.63 -25.41 28.89
CA VAL B 188 -7.70 -25.85 27.85
C VAL B 188 -6.28 -25.83 28.42
N ASP B 189 -5.63 -26.99 28.40
CA ASP B 189 -4.25 -27.11 28.86
C ASP B 189 -3.25 -27.10 27.71
N LYS B 190 -3.70 -26.91 26.48
CA LYS B 190 -2.79 -26.78 25.35
C LYS B 190 -2.11 -25.43 25.38
N GLU B 191 -0.82 -25.42 25.03
CA GLU B 191 -0.03 -24.19 25.14
C GLU B 191 -0.37 -23.18 24.04
N GLU B 192 -0.88 -23.65 22.91
CA GLU B 192 -1.19 -22.77 21.79
C GLU B 192 -2.54 -22.08 21.93
N GLU B 193 -3.35 -22.42 22.93
CA GLU B 193 -4.58 -21.71 23.22
C GLU B 193 -4.66 -21.18 24.64
N ALA B 194 -3.65 -21.43 25.47
CA ALA B 194 -3.69 -20.99 26.86
C ALA B 194 -3.43 -19.48 26.95
N VAL B 195 -4.31 -18.80 27.69
CA VAL B 195 -4.17 -17.37 27.92
C VAL B 195 -3.91 -17.16 29.41
N THR B 196 -2.64 -17.16 29.82
CA THR B 196 -2.31 -17.01 31.23
C THR B 196 -2.18 -15.54 31.59
N ILE B 197 -2.80 -15.15 32.71
CA ILE B 197 -2.93 -13.74 33.10
C ILE B 197 -2.23 -13.59 34.47
N GLU B 198 -1.06 -14.21 34.62
CA GLU B 198 -0.36 -14.14 35.90
C GLU B 198 0.20 -12.73 36.16
N MET B 199 0.00 -12.25 37.38
CA MET B 199 0.17 -10.86 37.77
C MET B 199 1.21 -10.67 38.87
N ASN B 200 1.64 -9.42 38.99
CA ASN B 200 2.21 -8.90 40.23
C ASN B 200 1.45 -7.68 40.74
N GLU B 201 0.89 -6.84 39.86
CA GLU B 201 0.03 -5.71 40.18
C GLU B 201 -0.83 -5.37 38.97
N PRO B 202 -2.02 -4.80 39.16
CA PRO B 202 -2.83 -4.38 38.01
C PRO B 202 -2.29 -3.09 37.40
N VAL B 203 -2.22 -3.06 36.07
CA VAL B 203 -1.65 -1.92 35.33
C VAL B 203 -2.67 -1.40 34.33
N GLN B 204 -2.38 -0.23 33.78
CA GLN B 204 -3.26 0.43 32.82
C GLN B 204 -2.39 1.33 31.94
N LEU B 205 -2.02 0.84 30.76
CA LEU B 205 -1.11 1.54 29.87
C LEU B 205 -1.71 1.71 28.49
N THR B 206 -1.35 2.81 27.84
CA THR B 206 -1.89 3.20 26.54
C THR B 206 -0.78 3.17 25.50
N PHE B 207 -0.90 2.27 24.52
CA PHE B 207 0.09 2.10 23.48
C PHE B 207 -0.45 2.57 22.13
N ALA B 208 0.42 2.53 21.12
CA ALA B 208 0.03 2.87 19.77
C ALA B 208 -0.48 1.62 19.04
N LEU B 209 -0.99 1.82 17.83
CA LEU B 209 -1.62 0.75 17.07
C LEU B 209 -0.97 0.45 15.73
N ARG B 210 -0.39 1.44 15.06
CA ARG B 210 0.38 1.14 13.86
C ARG B 210 1.63 0.36 14.21
N TYR B 211 2.27 0.71 15.30
CA TYR B 211 3.40 -0.03 15.81
C TYR B 211 3.01 -1.38 16.39
N LEU B 212 1.83 -1.52 16.98
CA LEU B 212 1.35 -2.84 17.38
C LEU B 212 0.97 -3.72 16.19
N ASN B 213 0.50 -3.14 15.08
CA ASN B 213 0.27 -3.90 13.85
C ASN B 213 1.59 -4.38 13.25
N PHE B 214 2.60 -3.51 13.28
CA PHE B 214 3.95 -3.88 12.87
C PHE B 214 4.57 -4.93 13.79
N PHE B 215 4.17 -4.90 15.06
CA PHE B 215 4.63 -5.90 16.02
C PHE B 215 3.97 -7.23 15.76
N THR B 216 2.67 -7.23 15.45
CA THR B 216 1.93 -8.47 15.28
C THR B 216 1.99 -8.98 13.84
N LYS B 217 2.76 -8.32 12.98
CA LYS B 217 3.25 -8.91 11.74
C LYS B 217 4.27 -10.05 11.94
N ALA B 218 4.73 -10.29 13.17
CA ALA B 218 5.52 -11.45 13.53
C ALA B 218 4.67 -12.65 13.94
N THR B 219 3.43 -12.74 13.44
CA THR B 219 2.51 -13.84 13.76
C THR B 219 2.98 -15.26 13.38
N PRO B 220 3.54 -15.56 12.18
CA PRO B 220 3.87 -16.98 11.92
C PRO B 220 5.13 -17.49 12.61
N LEU B 221 5.86 -16.64 13.35
CA LEU B 221 7.06 -17.08 14.04
C LEU B 221 6.74 -17.99 15.21
N SER B 222 5.72 -17.64 15.98
CA SER B 222 5.41 -18.40 17.19
C SER B 222 3.91 -18.40 17.40
N SER B 223 3.45 -19.35 18.22
CA SER B 223 2.07 -19.41 18.64
C SER B 223 1.80 -18.61 19.90
N THR B 224 2.79 -18.49 20.78
CA THR B 224 2.62 -17.82 22.06
C THR B 224 3.32 -16.46 22.06
N VAL B 225 2.65 -15.46 22.64
CA VAL B 225 3.19 -14.11 22.78
C VAL B 225 3.35 -13.85 24.26
N THR B 226 4.58 -13.93 24.76
CA THR B 226 4.84 -13.61 26.17
C THR B 226 4.86 -12.09 26.32
N LEU B 227 3.66 -11.53 26.48
CA LEU B 227 3.45 -10.10 26.45
C LEU B 227 3.73 -9.53 27.85
N SER B 228 4.96 -9.10 28.08
CA SER B 228 5.46 -8.76 29.41
C SER B 228 5.55 -7.25 29.56
N MET B 229 4.96 -6.72 30.63
CA MET B 229 5.05 -5.29 30.93
C MET B 229 4.79 -5.04 32.41
N SER B 230 5.04 -3.79 32.80
CA SER B 230 4.71 -3.28 34.12
C SER B 230 4.18 -1.86 33.94
N ALA B 231 4.08 -1.12 35.05
CA ALA B 231 3.37 0.16 35.06
C ALA B 231 4.15 1.29 34.37
N ASP B 232 5.45 1.17 34.23
CA ASP B 232 6.23 2.25 33.64
C ASP B 232 7.07 1.80 32.46
N VAL B 233 7.56 0.55 32.48
CA VAL B 233 8.46 0.00 31.48
C VAL B 233 7.67 -0.22 30.19
N PRO B 234 8.30 -0.02 29.02
CA PRO B 234 7.69 -0.45 27.75
C PRO B 234 7.46 -1.95 27.69
N LEU B 235 6.42 -2.35 26.95
CA LEU B 235 5.98 -3.73 26.98
C LEU B 235 6.90 -4.60 26.12
N VAL B 236 6.96 -5.88 26.48
CA VAL B 236 7.81 -6.82 25.76
C VAL B 236 6.91 -7.73 24.95
N VAL B 237 6.84 -7.52 23.64
CA VAL B 237 6.05 -8.40 22.79
C VAL B 237 6.99 -9.48 22.26
N GLU B 238 7.07 -10.58 22.98
CA GLU B 238 8.10 -11.59 22.74
C GLU B 238 7.52 -12.78 21.99
N TYR B 239 8.15 -13.14 20.87
CA TYR B 239 7.74 -14.26 20.04
C TYR B 239 8.81 -15.34 20.16
N LYS B 240 8.49 -16.41 20.87
CA LYS B 240 9.47 -17.45 21.18
C LYS B 240 9.69 -18.32 19.95
N ILE B 241 10.80 -18.07 19.25
CA ILE B 241 11.21 -18.88 18.11
C ILE B 241 11.65 -20.25 18.63
N ALA B 242 11.27 -21.31 17.89
CA ALA B 242 11.45 -22.69 18.32
C ALA B 242 12.92 -23.07 18.31
N ASP B 243 13.51 -23.07 19.52
CA ASP B 243 14.90 -23.47 19.82
C ASP B 243 15.94 -22.60 19.11
N MET B 244 15.61 -21.35 18.82
CA MET B 244 16.63 -20.39 18.38
C MET B 244 16.67 -19.16 19.26
N GLY B 245 15.55 -18.80 19.84
CA GLY B 245 15.54 -17.67 20.75
C GLY B 245 14.19 -16.98 20.72
N HIS B 246 14.24 -15.66 20.55
CA HIS B 246 13.05 -14.84 20.69
C HIS B 246 13.19 -13.56 19.89
N LEU B 247 12.11 -13.15 19.24
CA LEU B 247 12.01 -11.84 18.63
C LEU B 247 11.26 -10.94 19.61
N LYS B 248 11.99 -10.08 20.30
CA LYS B 248 11.43 -9.23 21.34
C LYS B 248 11.13 -7.86 20.76
N TYR B 249 9.91 -7.39 20.97
CA TYR B 249 9.49 -6.07 20.52
C TYR B 249 9.22 -5.19 21.73
N TYR B 250 9.63 -3.93 21.66
CA TYR B 250 9.50 -2.97 22.75
C TYR B 250 8.77 -1.74 22.25
N LEU B 251 7.75 -1.29 22.98
CA LEU B 251 7.06 -0.05 22.64
C LEU B 251 6.72 0.75 23.89
N ALA B 252 7.14 2.00 23.90
CA ALA B 252 6.94 2.95 25.00
C ALA B 252 5.48 3.36 25.08
N PRO B 253 4.88 3.39 26.27
CA PRO B 253 3.48 3.79 26.40
C PRO B 253 3.30 5.29 26.23
N LYS B 254 2.11 5.68 25.77
CA LYS B 254 1.75 7.08 25.78
C LYS B 254 1.40 7.54 27.19
N ILE B 255 1.73 8.78 27.50
CA ILE B 255 1.43 9.33 28.81
C ILE B 255 0.41 10.46 28.70
N MET C 1 -34.58 -0.65 26.38
CA MET C 1 -33.43 -1.53 26.57
C MET C 1 -33.48 -2.65 25.53
N PHE C 2 -33.00 -2.33 24.33
CA PHE C 2 -32.95 -3.28 23.23
C PHE C 2 -31.82 -4.27 23.45
N GLU C 3 -32.11 -5.55 23.22
CA GLU C 3 -31.09 -6.60 23.34
C GLU C 3 -31.44 -7.70 22.35
N ALA C 4 -30.47 -8.09 21.52
CA ALA C 4 -30.70 -9.08 20.46
C ALA C 4 -29.57 -10.09 20.45
N ARG C 5 -29.76 -11.19 21.16
CA ARG C 5 -28.81 -12.30 21.18
C ARG C 5 -28.88 -13.03 19.85
N LEU C 6 -27.88 -12.81 18.99
CA LEU C 6 -27.81 -13.46 17.69
C LEU C 6 -26.65 -14.45 17.72
N VAL C 7 -26.95 -15.72 17.45
CA VAL C 7 -25.93 -16.75 17.50
C VAL C 7 -25.05 -16.72 16.26
N GLN C 8 -25.66 -16.77 15.08
CA GLN C 8 -24.90 -16.72 13.84
C GLN C 8 -24.67 -15.25 13.50
N GLY C 9 -23.59 -14.69 14.04
CA GLY C 9 -23.25 -13.29 13.84
C GLY C 9 -22.69 -12.96 12.49
N SER C 10 -22.29 -14.00 11.73
CA SER C 10 -21.88 -13.84 10.35
C SER C 10 -23.01 -13.36 9.46
N ILE C 11 -24.27 -13.63 9.84
CA ILE C 11 -25.44 -13.09 9.12
C ILE C 11 -25.46 -11.57 9.18
N LEU C 12 -25.31 -11.00 10.37
CA LEU C 12 -25.30 -9.54 10.51
C LEU C 12 -24.04 -8.92 9.94
N LYS C 13 -22.92 -9.64 10.01
CA LYS C 13 -21.67 -9.18 9.38
C LYS C 13 -21.80 -9.12 7.86
N LYS C 14 -22.47 -10.10 7.26
CA LYS C 14 -22.65 -10.10 5.82
C LYS C 14 -23.72 -9.10 5.38
N VAL C 15 -24.68 -8.79 6.27
CA VAL C 15 -25.60 -7.67 6.02
C VAL C 15 -24.84 -6.35 5.94
N LEU C 16 -23.99 -6.08 6.94
CA LEU C 16 -23.32 -4.78 6.97
C LEU C 16 -22.15 -4.71 6.01
N GLU C 17 -21.61 -5.84 5.55
CA GLU C 17 -20.68 -5.83 4.43
C GLU C 17 -21.40 -5.86 3.09
N ALA C 18 -22.71 -6.12 3.08
CA ALA C 18 -23.53 -5.97 1.89
C ALA C 18 -24.15 -4.59 1.75
N LEU C 19 -24.05 -3.74 2.78
CA LEU C 19 -24.68 -2.44 2.78
C LEU C 19 -23.72 -1.30 3.06
N LYS C 20 -22.41 -1.55 3.10
CA LYS C 20 -21.47 -0.52 3.50
C LYS C 20 -21.25 0.50 2.38
N ASP C 21 -21.20 0.04 1.13
CA ASP C 21 -20.89 0.94 0.03
C ASP C 21 -22.14 1.51 -0.63
N LEU C 22 -23.25 0.78 -0.58
CA LEU C 22 -24.50 1.30 -1.13
C LEU C 22 -25.11 2.35 -0.20
N ILE C 23 -25.07 2.10 1.10
CA ILE C 23 -25.70 2.97 2.08
C ILE C 23 -24.62 3.54 2.99
N ASN C 24 -24.62 4.86 3.15
CA ASN C 24 -23.69 5.52 4.05
C ASN C 24 -24.32 5.94 5.36
N GLU C 25 -25.58 6.38 5.34
CA GLU C 25 -26.35 6.64 6.54
C GLU C 25 -27.68 5.89 6.44
N ALA C 26 -28.03 5.16 7.50
CA ALA C 26 -29.28 4.40 7.53
C ALA C 26 -29.94 4.52 8.88
N CYS C 27 -31.20 4.09 8.93
CA CYS C 27 -31.97 4.02 10.17
C CYS C 27 -32.41 2.59 10.42
N TRP C 28 -32.38 2.18 11.69
CA TRP C 28 -32.77 0.83 12.08
C TRP C 28 -34.08 0.94 12.85
N ASP C 29 -35.19 0.72 12.16
CA ASP C 29 -36.51 0.76 12.77
C ASP C 29 -36.71 -0.53 13.56
N ILE C 30 -36.30 -0.51 14.83
CA ILE C 30 -36.39 -1.69 15.68
C ILE C 30 -37.79 -1.78 16.27
N SER C 31 -38.59 -2.69 15.75
CA SER C 31 -39.88 -3.00 16.34
C SER C 31 -39.70 -4.02 17.45
N SER C 32 -40.80 -4.39 18.10
CA SER C 32 -40.75 -5.41 19.13
C SER C 32 -40.76 -6.83 18.57
N SER C 33 -40.97 -6.98 17.26
CA SER C 33 -40.99 -8.28 16.59
C SER C 33 -40.12 -8.25 15.35
N GLY C 34 -38.90 -7.74 15.50
CA GLY C 34 -37.93 -7.70 14.43
C GLY C 34 -37.26 -6.35 14.33
N VAL C 35 -36.42 -6.22 13.30
CA VAL C 35 -35.70 -4.99 13.01
C VAL C 35 -35.84 -4.71 11.51
N ASN C 36 -36.00 -3.43 11.16
CA ASN C 36 -36.22 -3.02 9.78
C ASN C 36 -35.22 -1.94 9.38
N LEU C 37 -35.06 -1.80 8.06
CA LEU C 37 -34.19 -0.78 7.47
C LEU C 37 -34.68 -0.51 6.07
N GLN C 38 -35.28 0.64 5.83
CA GLN C 38 -35.83 0.98 4.52
C GLN C 38 -35.15 2.22 3.95
N SER C 39 -33.82 2.27 4.04
CA SER C 39 -33.11 3.49 3.73
C SER C 39 -32.92 3.67 2.23
N MET C 40 -32.63 4.91 1.84
CA MET C 40 -32.29 5.29 0.48
C MET C 40 -30.78 5.19 0.31
N ASP C 41 -30.32 5.16 -0.94
CA ASP C 41 -28.89 5.17 -1.18
C ASP C 41 -28.36 6.60 -1.23
N SER C 42 -27.09 6.73 -1.61
CA SER C 42 -26.46 8.05 -1.66
C SER C 42 -26.95 8.87 -2.85
N SER C 43 -27.18 8.22 -3.99
CA SER C 43 -27.66 8.90 -5.18
C SER C 43 -29.18 8.96 -5.25
N HIS C 44 -29.87 8.33 -4.29
CA HIS C 44 -31.33 8.33 -4.13
C HIS C 44 -32.05 7.75 -5.35
N VAL C 45 -31.47 6.70 -5.92
CA VAL C 45 -32.11 6.00 -7.04
C VAL C 45 -32.51 4.57 -6.67
N SER C 46 -31.90 3.95 -5.67
CA SER C 46 -32.27 2.62 -5.23
C SER C 46 -32.90 2.70 -3.86
N LEU C 47 -33.37 1.56 -3.34
CA LEU C 47 -33.88 1.54 -1.97
C LEU C 47 -33.56 0.16 -1.43
N VAL C 48 -32.94 0.12 -0.25
CA VAL C 48 -32.58 -1.13 0.39
C VAL C 48 -33.59 -1.41 1.50
N GLN C 49 -34.31 -2.52 1.38
CA GLN C 49 -35.30 -2.92 2.37
C GLN C 49 -34.76 -4.16 3.07
N LEU C 50 -34.52 -4.05 4.37
CA LEU C 50 -33.91 -5.11 5.16
C LEU C 50 -34.85 -5.45 6.31
N THR C 51 -35.04 -6.75 6.56
CA THR C 51 -35.87 -7.20 7.66
C THR C 51 -35.26 -8.45 8.27
N LEU C 52 -34.84 -8.36 9.54
CA LEU C 52 -34.48 -9.52 10.34
C LEU C 52 -35.53 -9.65 11.43
N ARG C 53 -36.34 -10.69 11.37
CA ARG C 53 -37.38 -10.89 12.35
C ARG C 53 -36.79 -11.42 13.66
N SER C 54 -37.59 -11.36 14.72
CA SER C 54 -37.15 -11.76 16.04
C SER C 54 -37.22 -13.26 16.28
N GLU C 55 -37.69 -14.03 15.30
CA GLU C 55 -37.76 -15.48 15.43
C GLU C 55 -36.46 -16.18 15.08
N GLY C 56 -35.44 -15.44 14.64
CA GLY C 56 -34.17 -16.03 14.31
C GLY C 56 -33.09 -15.72 15.33
N PHE C 57 -33.32 -14.69 16.13
CA PHE C 57 -32.44 -14.41 17.25
C PHE C 57 -32.64 -15.45 18.34
N ASP C 58 -31.64 -15.60 19.21
CA ASP C 58 -31.77 -16.55 20.31
C ASP C 58 -32.69 -16.01 21.40
N THR C 59 -32.35 -14.86 21.99
CA THR C 59 -33.29 -14.11 22.80
C THR C 59 -33.37 -12.70 22.24
N TYR C 60 -34.54 -12.08 22.43
CA TYR C 60 -34.83 -10.78 21.85
C TYR C 60 -35.70 -10.01 22.83
N ARG C 61 -35.42 -8.72 22.97
CA ARG C 61 -36.15 -7.91 23.94
C ARG C 61 -36.23 -6.47 23.45
N CYS C 62 -37.43 -5.90 23.51
CA CYS C 62 -37.65 -4.50 23.19
C CYS C 62 -38.67 -3.91 24.13
N ASP C 63 -38.58 -2.61 24.34
CA ASP C 63 -39.53 -1.88 25.16
C ASP C 63 -40.22 -0.76 24.40
N ARG C 64 -39.54 -0.14 23.45
CA ARG C 64 -40.11 0.92 22.63
C ARG C 64 -39.86 0.60 21.15
N ASN C 65 -40.49 1.40 20.28
CA ASN C 65 -40.22 1.35 18.85
C ASN C 65 -39.11 2.35 18.53
N LEU C 66 -37.91 2.01 19.01
CA LEU C 66 -36.79 2.93 18.91
C LEU C 66 -36.15 2.83 17.52
N ALA C 67 -35.79 3.99 16.97
CA ALA C 67 -35.10 4.07 15.68
C ALA C 67 -33.82 4.85 15.88
N MET C 68 -32.72 4.31 15.40
CA MET C 68 -31.41 4.91 15.59
C MET C 68 -30.72 5.10 14.23
N GLY C 69 -30.04 6.23 14.09
CA GLY C 69 -29.31 6.51 12.87
C GLY C 69 -27.90 5.95 12.98
N VAL C 70 -27.56 4.99 12.12
CA VAL C 70 -26.32 4.26 12.22
C VAL C 70 -25.55 4.49 10.93
N ASN C 71 -24.31 4.99 11.05
CA ASN C 71 -23.39 5.03 9.91
C ASN C 71 -22.97 3.61 9.57
N LEU C 72 -23.36 3.14 8.39
CA LEU C 72 -23.18 1.74 8.07
C LEU C 72 -21.75 1.38 7.70
N THR C 73 -20.94 2.35 7.28
CA THR C 73 -19.51 2.09 7.13
C THR C 73 -18.86 1.93 8.50
N SER C 74 -19.32 2.70 9.48
CA SER C 74 -18.82 2.59 10.85
C SER C 74 -19.22 1.26 11.49
N MET C 75 -20.47 0.86 11.32
CA MET C 75 -20.91 -0.41 11.88
C MET C 75 -20.37 -1.58 11.07
N SER C 76 -20.04 -1.38 9.79
CA SER C 76 -19.36 -2.42 9.02
C SER C 76 -17.92 -2.61 9.49
N LYS C 77 -17.21 -1.52 9.79
CA LYS C 77 -15.86 -1.64 10.33
C LYS C 77 -15.85 -2.14 11.77
N ILE C 78 -16.95 -1.97 12.50
CA ILE C 78 -17.07 -2.58 13.82
C ILE C 78 -17.45 -4.06 13.72
N LEU C 79 -18.29 -4.42 12.75
CA LEU C 79 -18.65 -5.82 12.56
C LEU C 79 -17.57 -6.63 11.85
N LYS C 80 -16.55 -5.98 11.30
CA LYS C 80 -15.36 -6.70 10.87
C LYS C 80 -14.56 -7.25 12.04
N CYS C 81 -14.76 -6.73 13.26
CA CYS C 81 -14.01 -7.22 14.42
C CYS C 81 -14.50 -8.57 14.90
N ALA C 82 -15.76 -8.91 14.64
CA ALA C 82 -16.26 -10.22 15.01
C ALA C 82 -15.72 -11.29 14.06
N GLY C 83 -15.72 -12.53 14.54
CA GLY C 83 -15.36 -13.66 13.70
C GLY C 83 -16.56 -14.21 12.94
N ASN C 84 -16.27 -15.19 12.09
CA ASN C 84 -17.34 -15.82 11.30
C ASN C 84 -18.20 -16.76 12.13
N GLU C 85 -17.72 -17.18 13.30
CA GLU C 85 -18.50 -18.00 14.22
C GLU C 85 -18.77 -17.32 15.55
N ASP C 86 -18.34 -16.06 15.72
CA ASP C 86 -18.60 -15.35 16.97
C ASP C 86 -20.05 -14.88 17.01
N ILE C 87 -20.68 -15.05 18.18
CA ILE C 87 -22.05 -14.58 18.37
C ILE C 87 -22.03 -13.07 18.56
N ILE C 88 -23.16 -12.43 18.25
CA ILE C 88 -23.28 -10.97 18.31
C ILE C 88 -24.51 -10.63 19.14
N THR C 89 -24.33 -9.81 20.17
CA THR C 89 -25.44 -9.37 21.01
C THR C 89 -25.49 -7.85 20.96
N LEU C 90 -26.52 -7.30 20.31
CA LEU C 90 -26.67 -5.86 20.27
C LEU C 90 -27.25 -5.36 21.60
N ARG C 91 -26.97 -4.11 21.91
CA ARG C 91 -27.47 -3.47 23.12
C ARG C 91 -27.66 -2.00 22.85
N ALA C 92 -28.77 -1.45 23.34
CA ALA C 92 -29.07 -0.04 23.15
C ALA C 92 -29.55 0.56 24.47
N GLU C 93 -29.34 1.86 24.63
CA GLU C 93 -29.72 2.58 25.83
C GLU C 93 -30.74 3.66 25.48
N ASP C 94 -31.61 3.97 26.44
CA ASP C 94 -32.64 4.97 26.23
C ASP C 94 -32.06 6.38 26.33
N ASN C 95 -31.32 6.67 27.41
CA ASN C 95 -30.77 8.00 27.61
C ASN C 95 -29.55 8.25 26.74
N ALA C 96 -28.71 7.23 26.53
CA ALA C 96 -27.48 7.37 25.78
C ALA C 96 -27.65 6.79 24.38
N ASP C 97 -27.16 7.52 23.38
CA ASP C 97 -27.24 7.09 21.99
C ASP C 97 -25.99 6.27 21.62
N THR C 98 -25.90 5.09 22.23
CA THR C 98 -24.84 4.14 21.95
C THR C 98 -25.47 2.81 21.54
N LEU C 99 -24.89 2.17 20.52
CA LEU C 99 -25.27 0.82 20.13
C LEU C 99 -24.14 -0.10 20.56
N ALA C 100 -24.30 -0.74 21.71
CA ALA C 100 -23.28 -1.63 22.23
C ALA C 100 -23.42 -3.01 21.61
N LEU C 101 -22.30 -3.55 21.12
CA LEU C 101 -22.27 -4.89 20.55
C LEU C 101 -21.17 -5.68 21.24
N VAL C 102 -21.55 -6.73 21.95
CA VAL C 102 -20.58 -7.63 22.56
C VAL C 102 -20.46 -8.87 21.69
N PHE C 103 -19.22 -9.31 21.46
CA PHE C 103 -18.93 -10.42 20.56
C PHE C 103 -18.32 -11.54 21.39
N GLU C 104 -19.14 -12.40 21.95
CA GLU C 104 -18.61 -13.56 22.63
C GLU C 104 -18.16 -14.61 21.62
N ALA C 105 -17.10 -15.33 21.99
CA ALA C 105 -16.58 -16.44 21.23
C ALA C 105 -17.46 -17.68 21.42
N PRO C 106 -17.31 -18.71 20.56
CA PRO C 106 -17.93 -20.02 20.89
C PRO C 106 -17.44 -20.64 22.19
N ASN C 107 -16.18 -20.46 22.55
CA ASN C 107 -15.73 -20.77 23.90
C ASN C 107 -15.84 -19.51 24.75
N GLN C 108 -15.33 -19.55 25.98
CA GLN C 108 -15.55 -18.48 26.95
C GLN C 108 -14.25 -17.75 27.24
N GLU C 109 -13.50 -17.46 26.18
CA GLU C 109 -12.18 -16.85 26.32
C GLU C 109 -12.12 -15.39 25.89
N LYS C 110 -12.98 -14.95 24.97
CA LYS C 110 -12.86 -13.65 24.33
C LYS C 110 -14.23 -12.99 24.24
N VAL C 111 -14.39 -11.85 24.91
CA VAL C 111 -15.60 -11.04 24.82
C VAL C 111 -15.19 -9.67 24.27
N SER C 112 -15.82 -9.26 23.17
CA SER C 112 -15.43 -8.04 22.46
C SER C 112 -16.59 -7.05 22.48
N ASP C 113 -16.63 -6.20 23.50
CA ASP C 113 -17.67 -5.18 23.60
C ASP C 113 -17.30 -4.08 22.60
N TYR C 114 -18.33 -3.48 21.99
CA TYR C 114 -18.13 -2.49 20.94
C TYR C 114 -19.32 -1.54 20.95
N GLU C 115 -19.11 -0.32 21.45
CA GLU C 115 -20.16 0.68 21.42
C GLU C 115 -20.11 1.46 20.10
N MET C 116 -21.08 2.34 19.91
CA MET C 116 -21.19 3.11 18.68
C MET C 116 -21.58 4.54 18.98
N LYS C 117 -21.31 5.43 18.03
CA LYS C 117 -21.80 6.80 18.06
C LYS C 117 -22.91 6.90 17.01
N LEU C 118 -24.15 7.06 17.48
CA LEU C 118 -25.30 7.04 16.60
C LEU C 118 -25.58 8.43 16.05
N MET C 119 -25.85 8.51 14.76
CA MET C 119 -26.24 9.77 14.15
C MET C 119 -27.72 10.04 14.37
N ASP C 120 -28.14 11.25 14.04
CA ASP C 120 -29.54 11.65 14.13
C ASP C 120 -30.02 12.00 12.73
N LEU C 121 -31.06 11.31 12.26
CA LEU C 121 -31.57 11.47 10.92
C LEU C 121 -33.04 11.09 10.87
N ASP C 122 -33.73 11.59 9.85
CA ASP C 122 -35.17 11.40 9.73
C ASP C 122 -35.53 9.97 9.27
N VAL C 123 -36.74 9.56 9.61
CA VAL C 123 -37.26 8.24 9.25
C VAL C 123 -38.48 8.42 8.35
N GLU C 124 -38.61 7.53 7.36
CA GLU C 124 -39.72 7.52 6.44
C GLU C 124 -39.86 6.13 5.84
N GLN C 125 -41.08 5.80 5.42
CA GLN C 125 -41.41 4.47 4.92
C GLN C 125 -41.83 4.55 3.46
N LEU C 126 -41.10 3.88 2.59
CA LEU C 126 -41.42 3.82 1.17
C LEU C 126 -41.37 2.37 0.69
N GLY C 127 -42.03 1.47 1.42
CA GLY C 127 -42.01 0.07 1.04
C GLY C 127 -42.91 -0.23 -0.16
N ILE C 128 -44.20 0.06 -0.02
CA ILE C 128 -45.30 -0.19 -0.98
C ILE C 128 -45.31 -1.65 -1.43
N PRO C 129 -45.78 -2.58 -0.60
CA PRO C 129 -45.83 -3.99 -1.03
C PRO C 129 -47.04 -4.30 -1.88
N GLU C 130 -47.18 -5.57 -2.28
CA GLU C 130 -48.19 -6.11 -3.19
C GLU C 130 -48.25 -5.34 -4.50
N GLN C 131 -47.14 -5.28 -5.22
CA GLN C 131 -47.01 -4.50 -6.45
C GLN C 131 -47.39 -5.28 -7.69
N GLU C 132 -47.92 -6.49 -7.53
CA GLU C 132 -48.33 -7.40 -8.61
C GLU C 132 -47.12 -7.69 -9.50
N TYR C 133 -46.25 -8.53 -8.93
CA TYR C 133 -45.02 -8.88 -9.61
C TYR C 133 -45.30 -9.95 -10.67
N SER C 134 -44.85 -9.68 -11.89
CA SER C 134 -45.25 -10.50 -13.04
C SER C 134 -44.49 -11.81 -13.09
N CYS C 135 -43.17 -11.76 -12.91
CA CYS C 135 -42.35 -12.95 -12.99
C CYS C 135 -41.34 -12.95 -11.85
N VAL C 136 -40.99 -14.15 -11.38
CA VAL C 136 -39.90 -14.32 -10.42
C VAL C 136 -38.81 -15.14 -11.09
N VAL C 137 -37.56 -14.90 -10.70
CA VAL C 137 -36.45 -15.80 -11.04
C VAL C 137 -35.72 -16.20 -9.76
N LYS C 138 -35.89 -17.46 -9.35
CA LYS C 138 -35.20 -17.92 -8.15
C LYS C 138 -33.94 -18.68 -8.54
N MET C 139 -32.85 -17.95 -8.72
CA MET C 139 -31.57 -18.43 -9.18
C MET C 139 -30.53 -18.37 -8.05
N PRO C 140 -29.42 -19.13 -8.14
CA PRO C 140 -28.38 -19.04 -7.10
C PRO C 140 -27.70 -17.68 -7.08
N SER C 141 -27.24 -17.29 -5.87
CA SER C 141 -26.70 -15.95 -5.69
C SER C 141 -25.28 -15.84 -6.23
N GLY C 142 -24.51 -16.93 -6.16
CA GLY C 142 -23.21 -16.95 -6.80
C GLY C 142 -23.32 -16.89 -8.30
N GLU C 143 -24.36 -17.51 -8.86
CA GLU C 143 -24.66 -17.38 -10.28
C GLU C 143 -25.07 -15.96 -10.64
N PHE C 144 -25.87 -15.29 -9.79
CA PHE C 144 -26.27 -13.91 -10.05
C PHE C 144 -25.11 -12.95 -9.88
N ALA C 145 -24.20 -13.23 -8.95
CA ALA C 145 -22.99 -12.43 -8.80
C ALA C 145 -22.07 -12.62 -9.99
N ARG C 146 -22.04 -13.84 -10.54
CA ARG C 146 -21.33 -14.10 -11.78
C ARG C 146 -21.95 -13.34 -12.95
N ILE C 147 -23.29 -13.25 -13.00
CA ILE C 147 -23.99 -12.52 -14.06
C ILE C 147 -23.69 -11.03 -13.99
N CYS C 148 -23.76 -10.45 -12.78
CA CYS C 148 -23.51 -9.02 -12.61
C CYS C 148 -22.04 -8.67 -12.83
N ARG C 149 -21.13 -9.53 -12.35
CA ARG C 149 -19.70 -9.27 -12.49
C ARG C 149 -19.25 -9.46 -13.94
N ASP C 150 -19.85 -10.38 -14.67
CA ASP C 150 -19.48 -10.55 -16.08
C ASP C 150 -20.10 -9.47 -16.95
N LEU C 151 -21.34 -9.08 -16.69
CA LEU C 151 -21.96 -8.04 -17.52
C LEU C 151 -21.47 -6.65 -17.18
N SER C 152 -20.86 -6.45 -16.00
CA SER C 152 -20.32 -5.15 -15.63
C SER C 152 -19.11 -4.74 -16.45
N HIS C 153 -18.39 -5.69 -17.05
CA HIS C 153 -17.21 -5.38 -17.83
C HIS C 153 -17.54 -4.77 -19.20
N ILE C 154 -18.77 -4.94 -19.68
CA ILE C 154 -19.14 -4.46 -21.00
C ILE C 154 -19.66 -3.02 -20.91
N GLY C 155 -20.72 -2.82 -20.14
CA GLY C 155 -21.32 -1.51 -20.05
C GLY C 155 -21.86 -1.15 -18.68
N ASP C 156 -22.68 -0.11 -18.63
CA ASP C 156 -23.27 0.37 -17.38
C ASP C 156 -24.78 0.18 -17.36
N ALA C 157 -25.38 -0.24 -18.47
CA ALA C 157 -26.82 -0.48 -18.54
C ALA C 157 -27.07 -1.90 -19.04
N VAL C 158 -27.94 -2.61 -18.35
CA VAL C 158 -28.31 -3.98 -18.69
C VAL C 158 -29.81 -4.03 -18.95
N VAL C 159 -30.22 -4.80 -19.97
CA VAL C 159 -31.62 -5.13 -20.19
C VAL C 159 -31.82 -6.59 -19.84
N ILE C 160 -32.95 -6.90 -19.21
CA ILE C 160 -33.24 -8.26 -18.76
C ILE C 160 -34.52 -8.71 -19.41
N SER C 161 -34.45 -9.76 -20.21
CA SER C 161 -35.60 -10.36 -20.86
C SER C 161 -36.00 -11.63 -20.13
N CYS C 162 -37.30 -11.86 -20.00
CA CYS C 162 -37.82 -13.03 -19.33
C CYS C 162 -38.69 -13.83 -20.28
N ALA C 163 -38.51 -15.15 -20.28
CA ALA C 163 -39.32 -16.04 -21.10
C ALA C 163 -39.58 -17.31 -20.29
N LYS C 164 -40.37 -18.21 -20.86
CA LYS C 164 -40.78 -19.42 -20.14
C LYS C 164 -39.65 -20.44 -20.05
N ASP C 165 -38.76 -20.48 -21.04
CA ASP C 165 -37.65 -21.43 -21.04
C ASP C 165 -36.42 -20.89 -20.32
N GLY C 166 -36.43 -19.66 -19.87
CA GLY C 166 -35.30 -19.12 -19.15
C GLY C 166 -35.33 -17.60 -19.13
N VAL C 167 -34.33 -17.05 -18.46
CA VAL C 167 -34.18 -15.60 -18.31
C VAL C 167 -32.94 -15.17 -19.09
N LYS C 168 -33.00 -13.97 -19.67
CA LYS C 168 -31.98 -13.49 -20.59
C LYS C 168 -31.39 -12.19 -20.07
N PHE C 169 -30.10 -12.23 -19.73
CA PHE C 169 -29.35 -11.04 -19.31
C PHE C 169 -28.49 -10.59 -20.49
N SER C 170 -28.60 -9.31 -20.86
CA SER C 170 -27.84 -8.82 -21.99
C SER C 170 -27.57 -7.33 -21.83
N ALA C 171 -26.39 -6.90 -22.29
CA ALA C 171 -26.01 -5.50 -22.25
C ALA C 171 -25.36 -5.15 -23.58
N SER C 172 -24.79 -3.96 -23.66
CA SER C 172 -24.14 -3.47 -24.87
C SER C 172 -23.07 -2.46 -24.48
N GLY C 173 -22.43 -1.88 -25.47
CA GLY C 173 -21.43 -0.86 -25.24
C GLY C 173 -20.35 -0.92 -26.31
N GLU C 174 -19.31 -0.11 -26.10
CA GLU C 174 -18.18 -0.09 -27.02
C GLU C 174 -17.32 -1.34 -26.85
N LEU C 175 -17.23 -1.87 -25.63
CA LEU C 175 -16.32 -2.97 -25.33
C LEU C 175 -16.83 -4.32 -25.84
N GLY C 176 -18.09 -4.41 -26.25
CA GLY C 176 -18.62 -5.65 -26.78
C GLY C 176 -20.14 -5.63 -26.75
N ASN C 177 -20.71 -6.82 -26.87
CA ASN C 177 -22.17 -6.98 -26.85
C ASN C 177 -22.45 -8.38 -26.31
N GLY C 178 -22.82 -8.46 -25.04
CA GLY C 178 -23.05 -9.72 -24.39
C GLY C 178 -24.52 -10.05 -24.25
N ASN C 179 -24.80 -11.35 -24.13
CA ASN C 179 -26.18 -11.84 -24.06
C ASN C 179 -26.14 -13.21 -23.38
N ILE C 180 -26.49 -13.27 -22.10
CA ILE C 180 -26.50 -14.52 -21.36
C ILE C 180 -27.94 -14.97 -21.17
N LYS C 181 -28.29 -16.09 -21.78
CA LYS C 181 -29.62 -16.70 -21.62
C LYS C 181 -29.50 -17.79 -20.57
N LEU C 182 -29.79 -17.45 -19.33
CA LEU C 182 -29.74 -18.40 -18.22
C LEU C 182 -31.02 -19.23 -18.25
N SER C 183 -30.87 -20.55 -18.33
CA SER C 183 -31.94 -21.43 -18.75
C SER C 183 -32.74 -21.99 -17.58
N GLN C 184 -33.84 -22.67 -17.91
CA GLN C 184 -34.66 -23.37 -16.95
C GLN C 184 -33.96 -24.65 -16.49
N THR C 185 -33.59 -24.71 -15.21
CA THR C 185 -32.93 -25.88 -14.63
C THR C 185 -33.62 -26.30 -13.35
N SER C 186 -34.96 -26.45 -13.39
CA SER C 186 -35.68 -26.91 -12.20
C SER C 186 -35.65 -28.42 -12.07
N ASN C 187 -35.08 -29.13 -13.05
CA ASN C 187 -35.02 -30.59 -13.02
C ASN C 187 -34.00 -31.14 -12.02
N VAL C 188 -33.08 -30.28 -11.56
CA VAL C 188 -32.06 -30.64 -10.59
C VAL C 188 -32.72 -30.91 -9.25
N ASP C 189 -32.36 -32.04 -8.61
CA ASP C 189 -32.93 -32.40 -7.31
C ASP C 189 -32.45 -31.47 -6.19
N LYS C 190 -31.29 -30.84 -6.38
CA LYS C 190 -30.93 -29.71 -5.53
C LYS C 190 -31.79 -28.52 -5.91
N GLU C 191 -32.70 -28.12 -5.01
CA GLU C 191 -33.47 -26.91 -5.23
C GLU C 191 -32.62 -25.66 -5.03
N GLU C 192 -31.50 -25.79 -4.30
CA GLU C 192 -30.68 -24.64 -3.95
C GLU C 192 -29.85 -24.16 -5.13
N GLU C 193 -29.44 -25.07 -6.01
CA GLU C 193 -28.80 -24.71 -7.27
C GLU C 193 -29.76 -24.65 -8.45
N ALA C 194 -31.04 -24.94 -8.25
CA ALA C 194 -32.00 -24.92 -9.33
C ALA C 194 -32.43 -23.48 -9.62
N VAL C 195 -32.89 -23.26 -10.85
CA VAL C 195 -33.44 -22.00 -11.27
C VAL C 195 -34.91 -22.25 -11.59
N THR C 196 -35.81 -21.68 -10.79
CA THR C 196 -37.24 -21.84 -10.97
C THR C 196 -37.84 -20.52 -11.40
N ILE C 197 -38.82 -20.57 -12.31
CA ILE C 197 -39.38 -19.38 -12.91
C ILE C 197 -40.89 -19.58 -13.09
N GLU C 198 -41.65 -18.49 -12.92
CA GLU C 198 -43.05 -18.43 -13.29
C GLU C 198 -43.26 -17.17 -14.11
N MET C 199 -44.20 -17.24 -15.05
CA MET C 199 -44.34 -16.19 -16.06
C MET C 199 -45.82 -15.85 -16.24
N ASN C 200 -46.13 -14.56 -16.21
CA ASN C 200 -47.46 -14.08 -16.58
C ASN C 200 -47.46 -13.15 -17.79
N GLU C 201 -46.38 -12.41 -18.05
CA GLU C 201 -46.32 -11.47 -19.15
C GLU C 201 -44.86 -11.27 -19.52
N PRO C 202 -44.50 -11.25 -20.81
CA PRO C 202 -43.09 -11.04 -21.17
C PRO C 202 -42.64 -9.61 -20.98
N VAL C 203 -41.51 -9.44 -20.30
CA VAL C 203 -40.98 -8.14 -19.95
C VAL C 203 -39.57 -7.99 -20.51
N GLN C 204 -39.20 -6.75 -20.84
CA GLN C 204 -37.87 -6.39 -21.27
C GLN C 204 -37.65 -4.93 -20.91
N LEU C 205 -36.68 -4.67 -20.04
CA LEU C 205 -36.57 -3.35 -19.43
C LEU C 205 -35.14 -3.11 -18.98
N THR C 206 -34.73 -1.84 -19.02
CA THR C 206 -33.33 -1.44 -18.86
C THR C 206 -33.06 -1.08 -17.41
N PHE C 207 -32.33 -1.95 -16.71
CA PHE C 207 -31.90 -1.63 -15.36
C PHE C 207 -30.51 -1.00 -15.38
N ALA C 208 -30.16 -0.35 -14.27
CA ALA C 208 -28.79 0.06 -14.05
C ALA C 208 -27.96 -1.15 -13.64
N LEU C 209 -26.64 -1.00 -13.71
CA LEU C 209 -25.78 -2.15 -13.50
C LEU C 209 -24.74 -1.88 -12.41
N ARG C 210 -24.39 -0.61 -12.19
CA ARG C 210 -23.51 -0.26 -11.08
C ARG C 210 -24.20 -0.47 -9.74
N TYR C 211 -25.46 -0.05 -9.65
CA TYR C 211 -26.22 -0.31 -8.42
C TYR C 211 -26.65 -1.77 -8.34
N LEU C 212 -26.70 -2.49 -9.48
CA LEU C 212 -26.91 -3.93 -9.42
C LEU C 212 -25.67 -4.65 -8.88
N ASN C 213 -24.47 -4.14 -9.21
CA ASN C 213 -23.24 -4.62 -8.59
C ASN C 213 -23.20 -4.31 -7.10
N PHE C 214 -23.75 -3.15 -6.72
CA PHE C 214 -23.93 -2.85 -5.30
C PHE C 214 -24.95 -3.76 -4.64
N PHE C 215 -25.99 -4.19 -5.37
CA PHE C 215 -26.97 -5.12 -4.83
C PHE C 215 -26.40 -6.52 -4.61
N THR C 216 -25.59 -7.01 -5.54
CA THR C 216 -25.22 -8.41 -5.51
C THR C 216 -24.08 -8.75 -4.55
N LYS C 217 -23.68 -7.82 -3.69
CA LYS C 217 -22.70 -8.06 -2.64
C LYS C 217 -23.29 -8.79 -1.43
N ALA C 218 -24.59 -9.05 -1.43
CA ALA C 218 -25.24 -9.88 -0.43
C ALA C 218 -25.24 -11.36 -0.81
N THR C 219 -24.45 -11.77 -1.80
CA THR C 219 -24.28 -13.18 -2.09
C THR C 219 -23.67 -14.07 -1.00
N PRO C 220 -22.92 -13.61 0.04
CA PRO C 220 -22.68 -14.55 1.15
C PRO C 220 -23.82 -14.67 2.15
N LEU C 221 -24.83 -13.80 2.09
CA LEU C 221 -25.95 -13.88 3.03
C LEU C 221 -26.82 -15.09 2.77
N SER C 222 -27.43 -15.15 1.59
CA SER C 222 -28.19 -16.31 1.18
C SER C 222 -27.66 -16.75 -0.16
N SER C 223 -27.74 -18.05 -0.40
CA SER C 223 -27.24 -18.59 -1.66
C SER C 223 -28.34 -18.78 -2.69
N THR C 224 -29.50 -18.15 -2.49
CA THR C 224 -30.50 -17.94 -3.52
C THR C 224 -30.85 -16.47 -3.65
N VAL C 225 -31.24 -16.06 -4.86
CA VAL C 225 -31.75 -14.72 -5.14
C VAL C 225 -33.18 -14.88 -5.62
N THR C 226 -34.13 -14.23 -4.93
CA THR C 226 -35.52 -14.26 -5.37
C THR C 226 -35.81 -12.92 -6.05
N LEU C 227 -35.33 -12.77 -7.28
CA LEU C 227 -35.53 -11.55 -8.05
C LEU C 227 -36.92 -11.60 -8.69
N SER C 228 -37.74 -10.58 -8.43
CA SER C 228 -39.04 -10.45 -9.09
C SER C 228 -39.22 -9.05 -9.63
N MET C 229 -39.73 -8.96 -10.85
CA MET C 229 -39.76 -7.71 -11.60
C MET C 229 -41.05 -7.64 -12.43
N SER C 230 -41.31 -6.45 -12.96
CA SER C 230 -42.54 -6.19 -13.71
C SER C 230 -42.19 -5.26 -14.87
N ALA C 231 -43.22 -4.65 -15.47
CA ALA C 231 -43.02 -3.82 -16.65
C ALA C 231 -42.42 -2.47 -16.30
N ASP C 232 -43.12 -1.69 -15.47
CA ASP C 232 -42.63 -0.39 -15.04
C ASP C 232 -42.38 -0.34 -13.54
N VAL C 233 -42.83 -1.35 -12.79
CA VAL C 233 -42.62 -1.44 -11.35
C VAL C 233 -41.16 -1.80 -11.13
N PRO C 234 -40.45 -1.17 -10.18
CA PRO C 234 -39.08 -1.56 -9.85
C PRO C 234 -38.99 -2.98 -9.31
N LEU C 235 -37.85 -3.62 -9.58
CA LEU C 235 -37.64 -5.03 -9.25
C LEU C 235 -37.34 -5.17 -7.76
N VAL C 236 -37.26 -6.43 -7.31
CA VAL C 236 -36.62 -6.73 -6.04
C VAL C 236 -35.40 -7.57 -6.36
N VAL C 237 -34.41 -7.54 -5.48
CA VAL C 237 -33.37 -8.57 -5.45
C VAL C 237 -33.44 -9.11 -4.02
N GLU C 238 -34.24 -10.13 -3.81
CA GLU C 238 -34.56 -10.56 -2.46
C GLU C 238 -33.60 -11.66 -2.02
N TYR C 239 -32.99 -11.47 -0.85
CA TYR C 239 -32.03 -12.40 -0.27
C TYR C 239 -32.69 -13.03 0.95
N LYS C 240 -33.24 -14.23 0.76
CA LYS C 240 -34.00 -14.90 1.81
C LYS C 240 -33.04 -15.51 2.81
N ILE C 241 -32.79 -14.77 3.90
CA ILE C 241 -31.91 -15.24 4.96
C ILE C 241 -32.57 -16.40 5.70
N ALA C 242 -31.77 -17.42 6.03
CA ALA C 242 -32.29 -18.68 6.55
C ALA C 242 -32.79 -18.49 7.98
N ASP C 243 -34.10 -18.75 8.16
CA ASP C 243 -34.94 -18.61 9.35
C ASP C 243 -34.74 -17.32 10.15
N MET C 244 -34.41 -16.23 9.50
CA MET C 244 -34.14 -14.94 10.13
C MET C 244 -34.96 -13.81 9.54
N GLY C 245 -35.17 -13.81 8.24
CA GLY C 245 -35.88 -12.73 7.58
C GLY C 245 -35.48 -12.64 6.12
N HIS C 246 -35.58 -11.44 5.58
CA HIS C 246 -35.27 -11.23 4.17
C HIS C 246 -34.73 -9.84 3.95
N LEU C 247 -33.91 -9.70 2.91
CA LEU C 247 -33.33 -8.43 2.50
C LEU C 247 -33.66 -8.20 1.04
N LYS C 248 -34.34 -7.10 0.75
CA LYS C 248 -34.73 -6.76 -0.61
C LYS C 248 -33.87 -5.62 -1.15
N TYR C 249 -34.00 -5.37 -2.44
CA TYR C 249 -33.20 -4.36 -3.13
C TYR C 249 -34.00 -3.85 -4.31
N TYR C 250 -34.46 -2.60 -4.25
CA TYR C 250 -35.28 -2.05 -5.32
C TYR C 250 -34.45 -1.12 -6.18
N LEU C 251 -34.72 -1.13 -7.50
CA LEU C 251 -34.10 -0.19 -8.43
C LEU C 251 -35.15 0.16 -9.49
N ALA C 252 -35.44 1.45 -9.59
CA ALA C 252 -36.30 1.94 -10.67
C ALA C 252 -35.54 1.86 -11.99
N PRO C 253 -36.09 1.20 -13.01
CA PRO C 253 -35.34 0.98 -14.25
C PRO C 253 -35.19 2.26 -15.09
N LYS C 254 -34.06 2.34 -15.78
CA LYS C 254 -33.76 3.51 -16.61
C LYS C 254 -34.28 3.31 -18.03
N GLY D 2 20.05 29.49 0.83
CA GLY D 2 20.19 28.19 0.21
C GLY D 2 21.61 27.91 -0.25
N ILE D 3 22.01 26.64 -0.20
CA ILE D 3 23.35 26.22 -0.58
C ILE D 3 23.23 25.32 -1.79
N GLN D 4 23.97 25.64 -2.85
CA GLN D 4 23.93 24.88 -4.09
C GLN D 4 24.69 23.56 -3.91
N GLY D 5 23.98 22.45 -4.07
CA GLY D 5 24.61 21.15 -4.08
C GLY D 5 25.06 20.60 -2.74
N LEU D 6 24.47 21.08 -1.63
CA LEU D 6 24.82 20.50 -0.34
C LEU D 6 24.19 19.13 -0.14
N ALA D 7 22.93 18.97 -0.54
CA ALA D 7 22.21 17.71 -0.34
C ALA D 7 22.76 16.60 -1.24
N LYS D 8 23.20 16.97 -2.45
CA LYS D 8 23.87 16.02 -3.33
C LYS D 8 25.22 15.62 -2.77
N LEU D 9 25.92 16.55 -2.10
CA LEU D 9 27.20 16.24 -1.47
C LEU D 9 27.02 15.33 -0.26
N ILE D 10 25.96 15.54 0.52
CA ILE D 10 25.69 14.68 1.66
C ILE D 10 25.24 13.30 1.20
N ALA D 11 24.44 13.23 0.13
CA ALA D 11 24.04 11.94 -0.42
C ALA D 11 25.21 11.22 -1.10
N ASP D 12 26.21 11.95 -1.59
CA ASP D 12 27.42 11.31 -2.09
C ASP D 12 28.31 10.80 -0.96
N VAL D 13 28.42 11.57 0.12
CA VAL D 13 29.39 11.28 1.18
C VAL D 13 28.76 10.46 2.32
N ALA D 14 27.65 10.94 2.89
CA ALA D 14 27.08 10.36 4.10
C ALA D 14 25.67 9.83 3.84
N PRO D 15 25.52 8.54 3.51
CA PRO D 15 24.17 7.96 3.44
C PRO D 15 23.56 7.68 4.80
N SER D 16 24.37 7.63 5.86
CA SER D 16 23.89 7.37 7.20
C SER D 16 23.33 8.60 7.89
N ALA D 17 23.52 9.78 7.32
CA ALA D 17 22.93 11.01 7.86
C ALA D 17 21.61 11.37 7.19
N ILE D 18 21.30 10.79 6.04
CA ILE D 18 20.03 10.97 5.37
C ILE D 18 19.17 9.75 5.67
N ARG D 19 18.09 9.94 6.43
CA ARG D 19 17.19 8.86 6.81
C ARG D 19 15.84 9.12 6.16
N GLU D 20 15.52 8.37 5.12
CA GLU D 20 14.23 8.49 4.44
C GLU D 20 13.17 7.81 5.28
N ASN D 21 12.47 8.59 6.10
CA ASN D 21 11.45 8.10 7.01
C ASN D 21 10.07 8.25 6.37
N ASP D 22 9.06 7.85 7.12
CA ASP D 22 7.68 8.00 6.69
C ASP D 22 7.09 9.29 7.26
N ILE D 23 5.97 9.71 6.68
CA ILE D 23 5.27 10.90 7.16
C ILE D 23 4.62 10.60 8.50
N LYS D 24 3.97 9.44 8.62
CA LYS D 24 3.22 9.03 9.79
C LYS D 24 4.09 8.42 10.88
N SER D 25 5.42 8.40 10.70
CA SER D 25 6.29 7.66 11.59
C SER D 25 6.46 8.35 12.94
N TYR D 26 6.39 9.68 12.98
CA TYR D 26 6.79 10.42 14.17
C TYR D 26 5.75 10.37 15.28
N PHE D 27 4.58 10.97 15.02
CA PHE D 27 3.39 10.99 15.91
C PHE D 27 3.78 11.61 17.27
N GLY D 28 4.01 12.92 17.22
CA GLY D 28 4.33 13.68 18.40
C GLY D 28 5.70 14.31 18.40
N ARG D 29 6.50 14.16 17.35
CA ARG D 29 7.77 14.86 17.25
C ARG D 29 7.48 16.30 16.80
N LYS D 30 7.74 17.26 17.69
CA LYS D 30 7.44 18.65 17.42
C LYS D 30 8.47 19.22 16.45
N VAL D 31 8.01 19.67 15.29
CA VAL D 31 8.88 20.18 14.25
C VAL D 31 8.69 21.69 14.11
N ALA D 32 9.61 22.32 13.39
CA ALA D 32 9.56 23.74 13.11
C ALA D 32 9.53 23.94 11.61
N ILE D 33 8.57 24.72 11.14
CA ILE D 33 8.35 24.91 9.70
C ILE D 33 9.00 26.23 9.28
N ASP D 34 9.80 26.18 8.22
CA ASP D 34 10.07 27.38 7.44
C ASP D 34 8.77 27.79 6.78
N ALA D 35 8.15 28.85 7.30
CA ALA D 35 6.79 29.17 6.90
C ALA D 35 6.73 29.82 5.52
N SER D 36 7.68 30.71 5.21
CA SER D 36 7.66 31.41 3.92
C SER D 36 8.01 30.49 2.77
N MET D 37 8.79 29.44 3.05
CA MET D 37 9.04 28.39 2.07
C MET D 37 7.75 27.63 1.75
N SER D 38 6.91 27.42 2.76
CA SER D 38 5.59 26.82 2.53
C SER D 38 4.65 27.76 1.81
N ILE D 39 4.75 29.08 2.07
CA ILE D 39 3.94 30.08 1.36
C ILE D 39 4.26 30.08 -0.13
N TYR D 40 5.55 30.06 -0.47
CA TYR D 40 5.93 29.96 -1.89
C TYR D 40 5.62 28.59 -2.48
N GLN D 41 5.81 27.51 -1.72
CA GLN D 41 5.54 26.17 -2.22
C GLN D 41 4.04 25.91 -2.44
N PHE D 42 3.16 26.68 -1.81
CA PHE D 42 1.75 26.66 -2.15
C PHE D 42 1.31 27.85 -2.99
N LEU D 43 2.19 28.79 -3.31
CA LEU D 43 1.83 29.84 -4.27
C LEU D 43 2.19 29.49 -5.71
N ILE D 44 3.36 28.89 -5.95
CA ILE D 44 3.65 28.37 -7.30
C ILE D 44 2.78 27.15 -7.63
N ALA D 45 2.72 26.17 -6.73
CA ALA D 45 2.15 24.87 -7.11
C ALA D 45 0.63 24.86 -7.19
N VAL D 46 -0.06 25.70 -6.43
CA VAL D 46 -1.53 25.66 -6.37
C VAL D 46 -2.06 26.70 -7.34
N ARG D 47 -2.60 26.24 -8.47
CA ARG D 47 -3.16 27.12 -9.48
C ARG D 47 -4.13 26.32 -10.35
N GLN D 48 -4.99 27.06 -11.05
CA GLN D 48 -5.94 26.46 -12.00
C GLN D 48 -5.39 26.45 -13.42
N GLY D 49 -4.18 25.92 -13.58
CA GLY D 49 -3.50 25.94 -14.87
C GLY D 49 -3.10 27.32 -15.34
N GLY D 50 -2.63 28.17 -14.43
CA GLY D 50 -2.29 29.53 -14.77
C GLY D 50 -3.03 30.54 -13.92
N ASP D 51 -4.24 30.18 -13.52
CA ASP D 51 -5.07 31.04 -12.68
C ASP D 51 -4.84 30.68 -11.23
N VAL D 52 -4.31 31.63 -10.45
CA VAL D 52 -4.11 31.41 -9.02
C VAL D 52 -5.48 31.49 -8.33
N LEU D 53 -5.58 30.84 -7.16
CA LEU D 53 -6.83 30.76 -6.42
C LEU D 53 -7.15 32.12 -5.82
N GLN D 54 -8.03 32.86 -6.49
CA GLN D 54 -8.38 34.22 -6.12
C GLN D 54 -9.62 34.21 -5.22
N ASN D 55 -10.20 35.40 -5.01
CA ASN D 55 -11.40 35.53 -4.19
C ASN D 55 -12.42 36.44 -4.87
N GLU D 56 -13.46 36.81 -4.12
CA GLU D 56 -14.39 37.82 -4.59
C GLU D 56 -13.83 39.24 -4.43
N GLU D 57 -12.81 39.41 -3.60
CA GLU D 57 -12.17 40.71 -3.39
C GLU D 57 -10.94 40.91 -4.26
N GLY D 58 -10.62 39.96 -5.14
CA GLY D 58 -9.44 40.04 -5.97
C GLY D 58 -8.12 39.91 -5.24
N GLU D 59 -8.07 39.04 -4.23
CA GLU D 59 -6.82 38.76 -3.51
C GLU D 59 -6.72 37.26 -3.30
N THR D 60 -5.48 36.76 -3.34
CA THR D 60 -5.25 35.33 -3.46
C THR D 60 -5.45 34.59 -2.13
N THR D 61 -5.74 33.29 -2.24
CA THR D 61 -5.98 32.45 -1.08
C THR D 61 -5.36 31.06 -1.20
N SER D 62 -4.47 30.84 -2.17
CA SER D 62 -3.95 29.50 -2.45
C SER D 62 -3.00 29.02 -1.37
N HIS D 63 -2.24 29.93 -0.77
CA HIS D 63 -1.30 29.55 0.29
C HIS D 63 -2.03 29.22 1.58
N LEU D 64 -3.21 29.84 1.80
CA LEU D 64 -4.01 29.53 2.98
C LEU D 64 -4.60 28.13 2.90
N MET D 65 -5.13 27.75 1.74
CA MET D 65 -5.66 26.41 1.53
C MET D 65 -4.55 25.38 1.54
N GLY D 66 -3.37 25.77 1.03
CA GLY D 66 -2.22 24.88 1.05
C GLY D 66 -1.72 24.58 2.45
N MET D 67 -1.61 25.61 3.30
CA MET D 67 -1.19 25.39 4.68
C MET D 67 -2.26 24.69 5.48
N PHE D 68 -3.54 24.95 5.13
CA PHE D 68 -4.66 24.24 5.74
C PHE D 68 -4.58 22.74 5.48
N TYR D 69 -4.43 22.38 4.20
CA TYR D 69 -4.46 20.97 3.80
C TYR D 69 -3.21 20.25 4.28
N ARG D 70 -2.05 20.93 4.22
CA ARG D 70 -0.80 20.34 4.70
C ARG D 70 -0.78 20.19 6.21
N THR D 71 -1.26 21.20 6.95
CA THR D 71 -1.17 21.15 8.41
C THR D 71 -2.19 20.18 9.01
N ILE D 72 -3.38 20.06 8.41
CA ILE D 72 -4.30 19.01 8.84
C ILE D 72 -3.80 17.63 8.45
N ARG D 73 -3.16 17.50 7.27
CA ARG D 73 -2.65 16.19 6.86
C ARG D 73 -1.41 15.78 7.67
N MET D 74 -0.67 16.74 8.24
CA MET D 74 0.46 16.36 9.07
C MET D 74 0.11 16.27 10.55
N MET D 75 -0.90 16.99 11.03
CA MET D 75 -1.36 16.77 12.40
C MET D 75 -2.20 15.51 12.53
N GLU D 76 -2.85 15.10 11.44
CA GLU D 76 -3.56 13.81 11.41
C GLU D 76 -2.59 12.64 11.51
N ASN D 77 -1.36 12.82 11.04
CA ASN D 77 -0.30 11.85 11.21
C ASN D 77 0.49 12.07 12.50
N GLY D 78 0.10 13.05 13.30
CA GLY D 78 0.63 13.22 14.65
C GLY D 78 1.71 14.26 14.81
N ILE D 79 2.17 14.87 13.72
CA ILE D 79 3.23 15.87 13.79
C ILE D 79 2.65 17.18 14.31
N LYS D 80 3.28 17.75 15.33
CA LYS D 80 2.84 19.03 15.87
C LYS D 80 3.77 20.12 15.39
N PRO D 81 3.39 20.95 14.44
CA PRO D 81 4.32 21.94 13.89
C PRO D 81 4.27 23.28 14.60
N VAL D 82 5.35 24.04 14.42
CA VAL D 82 5.37 25.47 14.70
C VAL D 82 5.88 26.16 13.44
N TYR D 83 5.20 27.23 13.03
CA TYR D 83 5.46 27.88 11.75
C TYR D 83 6.29 29.13 12.02
N VAL D 84 7.60 29.02 11.89
CA VAL D 84 8.50 30.15 12.12
C VAL D 84 8.57 30.94 10.82
N PHE D 85 8.19 32.22 10.89
CA PHE D 85 8.06 33.06 9.71
C PHE D 85 9.33 33.86 9.47
N ASP D 86 9.50 34.28 8.21
CA ASP D 86 10.62 35.13 7.83
C ASP D 86 10.42 36.54 8.35
N GLY D 87 11.51 37.15 8.80
CA GLY D 87 11.46 38.50 9.31
C GLY D 87 12.24 39.49 8.48
N LYS D 88 13.37 39.96 9.00
CA LYS D 88 14.21 40.94 8.32
C LYS D 88 15.44 40.24 7.79
N PRO D 89 15.62 40.12 6.47
CA PRO D 89 16.88 39.60 5.95
C PRO D 89 17.99 40.60 6.14
N PRO D 90 19.22 40.15 6.40
CA PRO D 90 20.31 41.07 6.72
C PRO D 90 20.85 41.78 5.48
N GLN D 91 21.75 42.73 5.74
CA GLN D 91 22.31 43.56 4.67
C GLN D 91 23.31 42.79 3.81
N LEU D 92 23.92 41.75 4.37
CA LEU D 92 24.86 40.91 3.62
C LEU D 92 24.15 39.96 2.67
N LYS D 93 22.88 39.65 2.95
CA LYS D 93 22.06 38.82 2.07
C LYS D 93 21.49 39.59 0.88
N SER D 94 21.68 40.91 0.81
CA SER D 94 20.95 41.73 -0.15
C SER D 94 21.48 41.61 -1.57
N GLY D 95 22.68 41.05 -1.74
CA GLY D 95 23.20 40.81 -3.08
C GLY D 95 22.46 39.70 -3.80
N GLU D 96 22.25 38.57 -3.13
CA GLU D 96 21.48 37.49 -3.73
C GLU D 96 19.99 37.81 -3.75
N LEU D 97 19.53 38.67 -2.82
CA LEU D 97 18.17 39.21 -2.89
C LEU D 97 17.99 40.09 -4.13
N ALA D 98 19.02 40.89 -4.46
CA ALA D 98 18.97 41.68 -5.69
C ALA D 98 19.07 40.80 -6.93
N LYS D 99 19.80 39.68 -6.84
CA LYS D 99 19.84 38.74 -7.96
C LYS D 99 18.50 38.04 -8.17
N ARG D 100 17.80 37.70 -7.08
CA ARG D 100 16.44 37.18 -7.19
C ARG D 100 15.46 38.23 -7.70
N SER D 101 15.67 39.50 -7.34
CA SER D 101 14.85 40.59 -7.87
C SER D 101 15.07 40.80 -9.35
N GLU D 102 16.31 40.69 -9.82
CA GLU D 102 16.58 40.77 -11.25
C GLU D 102 16.10 39.53 -12.01
N ARG D 103 16.07 38.36 -11.35
CA ARG D 103 15.45 37.18 -11.95
C ARG D 103 13.93 37.37 -12.09
N ARG D 104 13.31 37.99 -11.08
CA ARG D 104 11.89 38.33 -11.17
C ARG D 104 11.62 39.38 -12.24
N ALA D 105 12.55 40.34 -12.41
CA ALA D 105 12.41 41.35 -13.46
C ALA D 105 12.56 40.74 -14.85
N GLU D 106 13.48 39.78 -15.00
CA GLU D 106 13.63 39.07 -16.28
C GLU D 106 12.42 38.20 -16.58
N ALA D 107 11.85 37.58 -15.54
CA ALA D 107 10.64 36.77 -15.72
C ALA D 107 9.44 37.64 -16.07
N GLU D 108 9.35 38.84 -15.47
CA GLU D 108 8.28 39.77 -15.83
C GLU D 108 8.49 40.38 -17.21
N LYS D 109 9.75 40.47 -17.65
CA LYS D 109 10.03 40.89 -19.02
C LYS D 109 9.60 39.83 -20.03
N GLN D 110 9.92 38.55 -19.76
CA GLN D 110 9.52 37.48 -20.67
C GLN D 110 8.04 37.12 -20.55
N LEU D 111 7.37 37.55 -19.47
CA LEU D 111 5.93 37.34 -19.33
C LEU D 111 5.16 38.16 -20.35
N GLN D 112 5.66 39.33 -20.73
CA GLN D 112 5.01 40.14 -21.77
C GLN D 112 5.12 39.49 -23.14
N GLN D 113 6.27 38.87 -23.45
CA GLN D 113 6.39 38.13 -24.70
C GLN D 113 5.58 36.83 -24.67
N ALA D 114 5.42 36.22 -23.49
CA ALA D 114 4.55 35.06 -23.37
C ALA D 114 3.07 35.43 -23.52
N GLN D 115 2.70 36.64 -23.09
CA GLN D 115 1.33 37.11 -23.28
C GLN D 115 1.08 37.51 -24.73
N ALA D 116 2.07 38.12 -25.38
CA ALA D 116 1.91 38.53 -26.78
C ALA D 116 1.99 37.35 -27.73
N ALA D 117 2.76 36.31 -27.39
CA ALA D 117 2.90 35.15 -28.25
C ALA D 117 1.70 34.21 -28.19
N GLY D 118 0.86 34.33 -27.15
CA GLY D 118 -0.31 33.50 -27.03
C GLY D 118 -0.07 32.08 -26.59
N ALA D 119 1.13 31.77 -26.08
CA ALA D 119 1.43 30.42 -25.61
C ALA D 119 0.78 30.21 -24.25
N GLU D 120 -0.09 29.19 -24.18
CA GLU D 120 -0.85 28.94 -22.95
C GLU D 120 -0.04 28.28 -21.86
N GLN D 121 1.09 27.65 -22.20
CA GLN D 121 1.92 27.00 -21.20
C GLN D 121 3.13 27.84 -20.79
N GLU D 122 3.56 28.78 -21.63
CA GLU D 122 4.64 29.67 -21.25
C GLU D 122 4.17 30.72 -20.25
N VAL D 123 2.90 31.13 -20.36
CA VAL D 123 2.35 32.14 -19.45
C VAL D 123 2.18 31.58 -18.05
N GLU D 124 1.89 30.28 -17.92
CA GLU D 124 1.80 29.62 -16.62
C GLU D 124 3.17 29.50 -15.97
N LYS D 125 4.17 29.07 -16.75
CA LYS D 125 5.53 28.92 -16.25
C LYS D 125 6.20 30.25 -15.98
N PHE D 126 5.71 31.35 -16.55
CA PHE D 126 6.29 32.66 -16.25
C PHE D 126 5.43 33.50 -15.31
N THR D 127 4.21 33.07 -14.97
CA THR D 127 3.58 33.63 -13.77
C THR D 127 3.90 32.80 -12.54
N LYS D 128 4.57 31.65 -12.72
CA LYS D 128 5.16 30.94 -11.59
C LYS D 128 6.22 31.78 -10.87
N ARG D 129 7.10 32.43 -11.63
CA ARG D 129 8.22 33.13 -11.02
C ARG D 129 7.85 34.51 -10.48
N LEU D 130 6.64 35.00 -10.74
CA LEU D 130 6.19 36.29 -10.20
C LEU D 130 5.38 36.02 -8.94
N VAL D 131 6.10 35.72 -7.86
CA VAL D 131 5.52 35.52 -6.54
C VAL D 131 6.19 36.47 -5.56
N LYS D 132 5.45 36.83 -4.51
CA LYS D 132 5.94 37.80 -3.53
C LYS D 132 5.30 37.51 -2.18
N VAL D 133 6.12 37.15 -1.19
CA VAL D 133 5.67 37.19 0.18
C VAL D 133 5.60 38.66 0.60
N THR D 134 4.39 39.11 0.94
CA THR D 134 4.17 40.48 1.38
C THR D 134 3.88 40.49 2.86
N LYS D 135 3.81 41.69 3.43
CA LYS D 135 3.35 41.83 4.81
C LYS D 135 1.86 41.55 4.93
N GLN D 136 1.10 41.80 3.85
CA GLN D 136 -0.29 41.35 3.78
C GLN D 136 -0.38 39.83 3.79
N HIS D 137 0.50 39.15 3.02
CA HIS D 137 0.56 37.69 3.03
C HIS D 137 1.06 37.16 4.38
N ASN D 138 2.04 37.86 4.98
CA ASN D 138 2.56 37.47 6.29
C ASN D 138 1.50 37.58 7.38
N ASP D 139 0.73 38.68 7.38
CA ASP D 139 -0.34 38.85 8.35
C ASP D 139 -1.51 37.92 8.08
N GLU D 140 -1.77 37.59 6.81
CA GLU D 140 -2.85 36.68 6.46
C GLU D 140 -2.54 35.25 6.89
N CYS D 141 -1.31 34.79 6.64
CA CYS D 141 -0.88 33.46 7.07
C CYS D 141 -0.76 33.37 8.58
N LYS D 142 -0.29 34.46 9.22
CA LYS D 142 -0.22 34.53 10.67
C LYS D 142 -1.59 34.53 11.30
N HIS D 143 -2.57 35.18 10.66
CA HIS D 143 -3.94 35.18 11.18
C HIS D 143 -4.59 33.81 11.03
N LEU D 144 -4.34 33.12 9.91
CA LEU D 144 -4.84 31.75 9.72
C LEU D 144 -4.25 30.79 10.75
N LEU D 145 -2.94 30.88 11.00
CA LEU D 145 -2.33 30.05 12.02
C LEU D 145 -2.70 30.48 13.44
N SER D 146 -3.10 31.75 13.63
CA SER D 146 -3.60 32.17 14.94
C SER D 146 -4.99 31.58 15.21
N LEU D 147 -5.83 31.49 14.18
CA LEU D 147 -7.11 30.82 14.38
C LEU D 147 -6.99 29.30 14.27
N MET D 148 -5.84 28.76 13.86
CA MET D 148 -5.60 27.32 13.97
C MET D 148 -5.46 26.88 15.42
N GLY D 149 -4.93 27.74 16.28
CA GLY D 149 -4.43 27.29 17.57
C GLY D 149 -3.05 26.66 17.51
N ILE D 150 -2.37 26.81 16.37
CA ILE D 150 -1.04 26.24 16.16
C ILE D 150 -0.05 27.39 16.13
N PRO D 151 0.97 27.38 16.99
CA PRO D 151 1.75 28.60 17.24
C PRO D 151 2.67 28.99 16.09
N TYR D 152 2.97 30.28 16.03
CA TYR D 152 3.85 30.86 15.03
C TYR D 152 4.85 31.75 15.75
N LEU D 153 6.10 31.69 15.34
CA LEU D 153 7.16 32.46 15.96
C LEU D 153 7.73 33.44 14.94
N ASP D 154 7.56 34.73 15.20
CA ASP D 154 8.07 35.76 14.30
C ASP D 154 9.55 35.96 14.59
N ALA D 155 10.39 35.59 13.64
CA ALA D 155 11.83 35.69 13.80
C ALA D 155 12.28 37.14 13.62
N PRO D 156 13.35 37.55 14.31
CA PRO D 156 13.99 38.84 14.03
C PRO D 156 14.95 38.79 12.85
N SER D 157 15.13 37.63 12.23
CA SER D 157 15.99 37.43 11.08
C SER D 157 15.23 36.50 10.14
N GLU D 158 15.95 35.85 9.23
CA GLU D 158 15.33 34.82 8.42
C GLU D 158 14.99 33.59 9.27
N ALA D 159 14.00 32.83 8.79
CA ALA D 159 13.35 31.80 9.59
C ALA D 159 14.21 30.56 9.81
N GLU D 160 15.24 30.36 8.98
CA GLU D 160 16.08 29.18 9.09
C GLU D 160 16.93 29.23 10.35
N ALA D 161 17.43 30.41 10.70
CA ALA D 161 18.24 30.58 11.90
C ALA D 161 17.41 30.43 13.17
N SER D 162 16.18 30.94 13.16
CA SER D 162 15.30 30.78 14.31
C SER D 162 14.82 29.34 14.45
N CYS D 163 14.63 28.64 13.32
CA CYS D 163 14.34 27.21 13.36
C CYS D 163 15.51 26.42 13.94
N ALA D 164 16.74 26.79 13.57
CA ALA D 164 17.92 26.14 14.10
C ALA D 164 18.11 26.42 15.59
N ALA D 165 17.78 27.64 16.03
CA ALA D 165 17.83 27.96 17.45
C ALA D 165 16.74 27.24 18.23
N LEU D 166 15.57 27.02 17.61
CA LEU D 166 14.51 26.25 18.23
C LEU D 166 14.89 24.79 18.41
N VAL D 167 15.60 24.22 17.43
CA VAL D 167 16.03 22.82 17.57
C VAL D 167 17.19 22.74 18.58
N LYS D 168 18.09 23.73 18.55
CA LYS D 168 19.26 23.76 19.44
C LYS D 168 18.88 23.96 20.90
N ALA D 169 17.79 24.70 21.16
CA ALA D 169 17.32 24.83 22.53
C ALA D 169 16.51 23.62 23.01
N GLY D 170 16.12 22.74 22.09
CA GLY D 170 15.35 21.56 22.46
C GLY D 170 13.88 21.81 22.69
N LYS D 171 13.37 22.99 22.34
CA LYS D 171 11.94 23.25 22.46
C LYS D 171 11.14 22.48 21.42
N VAL D 172 11.70 22.32 20.22
CA VAL D 172 11.16 21.42 19.22
C VAL D 172 12.17 20.31 19.01
N TYR D 173 11.81 19.29 18.23
CA TYR D 173 12.70 18.18 17.98
C TYR D 173 13.26 18.14 16.56
N ALA D 174 12.72 18.95 15.65
CA ALA D 174 13.15 18.93 14.27
C ALA D 174 12.87 20.28 13.63
N ALA D 175 13.53 20.54 12.50
CA ALA D 175 13.30 21.74 11.71
C ALA D 175 12.84 21.24 10.34
N ALA D 176 11.52 21.21 10.15
CA ALA D 176 10.96 20.75 8.88
C ALA D 176 11.08 21.90 7.88
N THR D 177 12.15 21.88 7.10
CA THR D 177 12.54 23.03 6.30
C THR D 177 13.21 22.52 5.03
N GLU D 178 12.74 23.00 3.87
CA GLU D 178 13.13 22.42 2.59
C GLU D 178 14.57 22.76 2.21
N ASP D 179 15.02 23.99 2.47
CA ASP D 179 16.39 24.30 2.08
C ASP D 179 17.37 23.94 3.21
N MET D 180 18.64 23.80 2.83
CA MET D 180 19.68 23.27 3.71
C MET D 180 20.39 24.35 4.50
N ASP D 181 19.76 25.50 4.72
CA ASP D 181 20.39 26.55 5.50
C ASP D 181 20.38 26.26 7.00
N CYS D 182 19.49 25.38 7.47
CA CYS D 182 19.48 25.08 8.89
C CYS D 182 20.62 24.13 9.30
N LEU D 183 21.20 23.40 8.34
CA LEU D 183 22.36 22.57 8.67
C LEU D 183 23.59 23.42 8.92
N THR D 184 23.76 24.51 8.18
CA THR D 184 24.86 25.41 8.44
C THR D 184 24.53 26.49 9.45
N PHE D 185 23.26 26.59 9.88
CA PHE D 185 22.91 27.44 11.01
C PHE D 185 22.93 26.67 12.33
N GLY D 186 23.18 25.37 12.30
CA GLY D 186 23.46 24.62 13.50
C GLY D 186 22.38 23.70 14.02
N SER D 187 21.34 23.44 13.24
CA SER D 187 20.27 22.54 13.68
C SER D 187 20.72 21.09 13.52
N PRO D 188 20.68 20.27 14.58
CA PRO D 188 21.01 18.85 14.42
C PRO D 188 20.02 18.04 13.59
N VAL D 189 18.73 18.38 13.62
CA VAL D 189 17.72 17.63 12.86
C VAL D 189 17.11 18.56 11.83
N LEU D 190 17.08 18.11 10.56
CA LEU D 190 16.50 18.83 9.43
C LEU D 190 15.77 17.82 8.56
N MET D 191 14.44 17.85 8.56
CA MET D 191 13.72 17.05 7.58
C MET D 191 13.21 17.91 6.43
N ARG D 192 13.24 17.34 5.23
CA ARG D 192 12.85 18.04 4.02
C ARG D 192 11.62 17.40 3.40
N HIS D 193 11.16 17.98 2.28
CA HIS D 193 10.11 17.47 1.39
C HIS D 193 8.78 17.21 2.09
N LEU D 194 8.16 18.25 2.65
CA LEU D 194 6.92 18.09 3.42
C LEU D 194 5.76 17.83 2.47
N THR D 195 5.64 16.57 2.05
CA THR D 195 4.58 16.11 1.18
C THR D 195 3.84 15.02 1.97
N ALA D 196 2.85 15.45 2.75
CA ALA D 196 2.08 14.53 3.57
C ALA D 196 0.97 13.84 2.80
N SER D 197 0.76 14.19 1.54
CA SER D 197 -0.29 13.55 0.73
C SER D 197 0.16 12.18 0.23
N GLU D 198 1.23 12.14 -0.56
CA GLU D 198 1.71 10.91 -1.17
C GLU D 198 3.06 10.54 -0.58
N ALA D 199 3.17 9.30 -0.09
CA ALA D 199 4.42 8.83 0.49
C ALA D 199 5.46 8.51 -0.57
N LYS D 200 5.04 7.94 -1.70
CA LYS D 200 5.97 7.53 -2.74
C LYS D 200 6.51 8.68 -3.57
N LYS D 201 5.88 9.84 -3.53
CA LYS D 201 6.30 10.97 -4.36
C LYS D 201 7.56 11.61 -3.81
N LEU D 202 7.47 12.22 -2.63
CA LEU D 202 8.62 12.78 -1.92
C LEU D 202 8.55 12.32 -0.46
N PRO D 203 9.29 11.28 -0.09
CA PRO D 203 9.32 10.86 1.31
C PRO D 203 10.11 11.83 2.17
N ILE D 204 9.82 11.80 3.47
CA ILE D 204 10.49 12.65 4.45
C ILE D 204 11.90 12.12 4.65
N GLN D 205 12.90 12.92 4.29
CA GLN D 205 14.29 12.57 4.52
C GLN D 205 14.87 13.49 5.59
N GLU D 206 15.41 12.90 6.65
CA GLU D 206 16.05 13.67 7.70
C GLU D 206 17.47 14.04 7.29
N PHE D 207 18.06 14.99 8.03
CA PHE D 207 19.45 15.39 7.84
C PHE D 207 20.06 15.54 9.23
N HIS D 208 20.63 14.45 9.73
CA HIS D 208 21.31 14.47 11.03
C HIS D 208 22.63 15.21 10.88
N LEU D 209 22.70 16.42 11.46
CA LEU D 209 23.95 17.17 11.44
C LEU D 209 24.99 16.55 12.37
N SER D 210 24.54 15.88 13.43
CA SER D 210 25.46 15.18 14.33
C SER D 210 26.14 14.02 13.64
N ARG D 211 25.43 13.31 12.75
CA ARG D 211 26.03 12.22 11.99
C ARG D 211 26.99 12.77 10.94
N ILE D 212 26.66 13.94 10.37
CA ILE D 212 27.53 14.62 9.41
C ILE D 212 28.84 15.05 10.08
N LEU D 213 28.74 15.63 11.27
CA LEU D 213 29.92 16.05 12.01
C LEU D 213 30.64 14.90 12.70
N GLN D 214 30.03 13.71 12.77
CA GLN D 214 30.75 12.55 13.29
C GLN D 214 31.49 11.76 12.22
N GLU D 215 30.89 11.51 11.05
CA GLU D 215 31.60 10.71 10.06
C GLU D 215 32.67 11.51 9.32
N LEU D 216 32.44 12.81 9.11
CA LEU D 216 33.47 13.66 8.54
C LEU D 216 34.57 13.97 9.55
N GLY D 217 34.21 14.03 10.83
CA GLY D 217 35.13 14.44 11.87
C GLY D 217 35.22 15.93 12.08
N LEU D 218 34.54 16.72 11.24
CA LEU D 218 34.57 18.17 11.35
C LEU D 218 33.68 18.65 12.49
N ASN D 219 33.99 19.84 12.99
CA ASN D 219 33.17 20.52 13.96
C ASN D 219 32.17 21.44 13.24
N GLN D 220 31.49 22.31 14.00
CA GLN D 220 30.42 23.13 13.46
C GLN D 220 30.95 24.23 12.54
N GLU D 221 31.97 24.96 12.97
CA GLU D 221 32.49 26.08 12.18
C GLU D 221 33.24 25.59 10.94
N GLN D 222 33.79 24.38 10.99
CA GLN D 222 34.35 23.74 9.81
C GLN D 222 33.27 23.45 8.76
N PHE D 223 32.08 23.02 9.21
CA PHE D 223 30.96 22.82 8.29
C PHE D 223 30.41 24.15 7.76
N VAL D 224 30.48 25.20 8.59
CA VAL D 224 30.11 26.55 8.14
C VAL D 224 31.03 27.04 7.03
N ASP D 225 32.34 26.88 7.20
CA ASP D 225 33.30 27.28 6.17
C ASP D 225 33.22 26.39 4.94
N LEU D 226 32.85 25.11 5.14
CA LEU D 226 32.57 24.21 4.02
C LEU D 226 31.37 24.70 3.21
N CYS D 227 30.30 25.13 3.88
CA CYS D 227 29.14 25.65 3.17
C CYS D 227 29.42 27.02 2.55
N ILE D 228 30.40 27.76 3.07
CA ILE D 228 30.86 28.97 2.42
C ILE D 228 31.56 28.64 1.09
N LEU D 229 32.46 27.64 1.08
CA LEU D 229 33.13 27.31 -0.18
C LEU D 229 32.22 26.56 -1.16
N LEU D 230 31.17 25.90 -0.67
CA LEU D 230 30.05 25.57 -1.57
C LEU D 230 29.38 26.83 -2.10
N GLY D 231 29.16 27.82 -1.26
CA GLY D 231 28.46 29.01 -1.71
C GLY D 231 27.05 29.05 -1.19
N SER D 232 26.68 30.16 -0.55
CA SER D 232 25.37 30.28 0.06
C SER D 232 24.72 31.57 -0.43
N ASP D 233 23.62 31.91 0.21
CA ASP D 233 22.85 33.12 -0.09
C ASP D 233 23.38 34.38 0.61
N TYR D 234 24.50 34.31 1.31
CA TYR D 234 25.15 35.52 1.83
C TYR D 234 26.44 35.83 1.07
N CYS D 235 27.36 34.86 1.04
CA CYS D 235 28.69 35.05 0.51
C CYS D 235 28.90 34.16 -0.71
N GLU D 236 29.51 34.72 -1.75
CA GLU D 236 29.74 34.00 -2.99
C GLU D 236 30.88 33.00 -2.82
N SER D 237 30.85 31.96 -3.65
CA SER D 237 31.86 30.93 -3.59
C SER D 237 33.10 31.34 -4.39
N ILE D 238 34.17 30.60 -4.21
CA ILE D 238 35.39 30.81 -4.98
C ILE D 238 35.18 30.35 -6.41
N ARG D 239 35.64 31.15 -7.37
CA ARG D 239 35.55 30.79 -8.78
C ARG D 239 36.51 29.64 -9.08
N GLY D 240 35.97 28.52 -9.55
CA GLY D 240 36.74 27.33 -9.79
C GLY D 240 36.77 26.33 -8.66
N ILE D 241 36.04 26.59 -7.58
CA ILE D 241 35.95 25.66 -6.45
C ILE D 241 34.49 25.31 -6.25
N GLY D 242 34.16 24.02 -6.35
CA GLY D 242 32.81 23.56 -6.23
C GLY D 242 32.62 22.56 -5.10
N PRO D 243 31.73 21.58 -5.30
CA PRO D 243 31.45 20.61 -4.23
C PRO D 243 32.56 19.61 -3.99
N LYS D 244 33.18 19.09 -5.06
CA LYS D 244 34.17 18.04 -4.91
C LYS D 244 35.50 18.57 -4.39
N ARG D 245 35.82 19.83 -4.69
CA ARG D 245 37.04 20.43 -4.18
C ARG D 245 36.92 20.83 -2.71
N ALA D 246 35.72 21.18 -2.27
CA ALA D 246 35.55 21.75 -0.93
C ALA D 246 35.66 20.70 0.17
N VAL D 247 35.28 19.45 -0.12
CA VAL D 247 35.46 18.36 0.84
C VAL D 247 36.94 18.05 1.05
N ASP D 248 37.72 18.13 -0.04
CA ASP D 248 39.17 18.00 0.08
C ASP D 248 39.80 19.21 0.77
N LEU D 249 39.24 20.40 0.58
CA LEU D 249 39.82 21.62 1.11
C LEU D 249 39.36 21.95 2.52
N ILE D 250 38.40 21.20 3.07
CA ILE D 250 38.01 21.32 4.47
C ILE D 250 38.40 20.09 5.28
N GLN D 251 38.31 18.89 4.67
CA GLN D 251 38.32 17.62 5.39
C GLN D 251 39.68 17.30 6.00
N LYS D 252 40.77 17.60 5.30
CA LYS D 252 42.11 17.48 5.86
C LYS D 252 42.64 18.81 6.39
N HIS D 253 41.74 19.74 6.72
CA HIS D 253 42.10 21.14 6.85
C HIS D 253 41.28 21.78 7.97
N LYS D 254 41.41 23.09 8.13
CA LYS D 254 40.76 23.80 9.23
C LYS D 254 39.75 24.84 8.79
N SER D 255 40.15 25.88 8.05
CA SER D 255 39.31 27.08 7.98
C SER D 255 39.67 27.92 6.76
N ILE D 256 39.28 29.20 6.80
CA ILE D 256 39.50 30.14 5.71
C ILE D 256 40.98 30.50 5.58
N GLU D 257 41.68 30.64 6.72
CA GLU D 257 43.04 31.17 6.73
C GLU D 257 44.04 30.22 6.09
N GLU D 258 43.85 28.92 6.25
CA GLU D 258 44.70 27.95 5.56
C GLU D 258 44.42 27.92 4.05
N ILE D 259 43.19 28.24 3.64
CA ILE D 259 42.88 28.37 2.21
C ILE D 259 43.59 29.59 1.63
N VAL D 260 43.52 30.74 2.32
CA VAL D 260 44.12 31.95 1.78
C VAL D 260 45.63 32.00 1.97
N ARG D 261 46.21 31.12 2.80
CA ARG D 261 47.66 30.97 2.81
C ARG D 261 48.14 29.75 2.00
N ARG D 262 47.22 28.93 1.49
CA ARG D 262 47.60 27.78 0.69
C ARG D 262 47.29 27.94 -0.80
N LEU D 263 46.07 28.34 -1.15
CA LEU D 263 45.61 28.38 -2.55
C LEU D 263 46.20 29.61 -3.23
N ASP D 264 46.93 29.37 -4.31
CA ASP D 264 47.51 30.47 -5.08
C ASP D 264 46.44 31.19 -5.90
N PRO D 265 46.51 32.53 -6.02
CA PRO D 265 45.45 33.26 -6.73
C PRO D 265 45.64 33.37 -8.23
N ASN D 266 46.01 32.29 -8.90
CA ASN D 266 45.99 32.26 -10.36
C ASN D 266 45.26 31.05 -10.91
N LYS D 267 45.37 29.89 -10.24
CA LYS D 267 44.61 28.73 -10.65
C LYS D 267 43.18 28.80 -10.13
N TYR D 268 43.02 29.05 -8.83
CA TYR D 268 41.72 29.22 -8.18
C TYR D 268 41.71 30.60 -7.54
N PRO D 269 41.34 31.64 -8.29
CA PRO D 269 41.45 33.01 -7.76
C PRO D 269 40.33 33.35 -6.79
N VAL D 270 40.69 34.06 -5.74
CA VAL D 270 39.73 34.53 -4.74
C VAL D 270 38.94 35.69 -5.34
N PRO D 271 37.62 35.75 -5.15
CA PRO D 271 36.85 36.90 -5.65
C PRO D 271 37.16 38.18 -4.88
N GLU D 272 37.00 39.31 -5.55
CA GLU D 272 37.19 40.62 -4.94
C GLU D 272 35.95 40.98 -4.12
N ASN D 273 36.20 41.61 -2.96
CA ASN D 273 35.22 41.96 -1.92
C ASN D 273 34.44 40.73 -1.44
N TRP D 274 35.18 39.69 -1.07
CA TRP D 274 34.59 38.44 -0.64
C TRP D 274 34.59 38.39 0.89
N LEU D 275 33.46 38.82 1.45
CA LEU D 275 33.36 39.00 2.90
C LEU D 275 32.98 37.69 3.58
N HIS D 276 33.74 37.33 4.61
CA HIS D 276 33.47 36.11 5.38
C HIS D 276 33.54 36.35 6.87
N LYS D 277 34.02 37.55 7.26
CA LYS D 277 34.33 37.84 8.66
C LYS D 277 33.10 37.91 9.55
N GLU D 278 31.99 38.47 9.05
CA GLU D 278 30.72 38.39 9.76
C GLU D 278 29.75 37.40 9.14
N ALA D 279 30.03 36.91 7.93
CA ALA D 279 29.28 35.81 7.34
C ALA D 279 29.47 34.53 8.14
N HIS D 280 30.68 34.32 8.64
CA HIS D 280 30.92 33.19 9.55
C HIS D 280 30.28 33.45 10.91
N GLN D 281 30.27 34.71 11.33
CA GLN D 281 29.83 35.07 12.69
C GLN D 281 28.33 34.97 12.86
N LEU D 282 27.55 35.41 11.85
CA LEU D 282 26.10 35.32 11.97
C LEU D 282 25.62 33.89 11.71
N PHE D 283 26.42 33.11 11.01
CA PHE D 283 26.14 31.68 10.85
C PHE D 283 26.34 30.92 12.14
N LEU D 284 27.39 31.25 12.91
CA LEU D 284 27.51 30.64 14.24
C LEU D 284 26.57 31.30 15.24
N GLU D 285 26.51 32.62 15.27
CA GLU D 285 25.71 33.35 16.26
C GLU D 285 24.72 34.25 15.55
N PRO D 286 23.49 33.77 15.27
CA PRO D 286 22.51 34.61 14.57
C PRO D 286 21.65 35.44 15.50
N GLU D 287 21.03 36.50 14.95
CA GLU D 287 20.06 37.30 15.68
C GLU D 287 18.73 36.56 15.72
N VAL D 288 18.51 35.74 16.74
CA VAL D 288 17.32 34.91 16.82
C VAL D 288 16.51 35.26 18.06
N LEU D 289 15.34 34.66 18.18
CA LEU D 289 14.52 34.72 19.37
C LEU D 289 15.04 33.71 20.38
N ASP D 290 14.95 34.04 21.66
CA ASP D 290 15.32 33.10 22.70
C ASP D 290 14.15 32.15 22.87
N PRO D 291 14.33 30.84 22.66
CA PRO D 291 13.18 29.92 22.71
C PRO D 291 12.74 29.58 24.12
N GLU D 292 13.53 29.91 25.15
CA GLU D 292 13.08 29.72 26.52
C GLU D 292 12.08 30.78 26.95
N SER D 293 12.01 31.92 26.25
CA SER D 293 11.06 32.97 26.57
C SER D 293 9.66 32.60 26.10
N VAL D 294 9.49 32.41 24.81
CA VAL D 294 8.17 32.10 24.25
C VAL D 294 7.87 30.62 24.48
N GLU D 295 6.59 30.31 24.69
CA GLU D 295 6.14 28.96 24.94
C GLU D 295 5.26 28.48 23.79
N LEU D 296 5.53 27.26 23.32
CA LEU D 296 4.77 26.68 22.22
C LEU D 296 3.42 26.23 22.75
N LYS D 297 2.34 26.86 22.27
CA LYS D 297 0.99 26.59 22.74
C LYS D 297 0.17 26.02 21.60
N TRP D 298 -0.01 24.70 21.57
CA TRP D 298 -0.89 24.05 20.60
C TRP D 298 -2.29 24.03 21.20
N SER D 299 -2.94 25.18 21.16
CA SER D 299 -4.22 25.36 21.83
C SER D 299 -5.36 24.81 20.98
N GLU D 300 -6.54 24.76 21.59
CA GLU D 300 -7.75 24.37 20.88
C GLU D 300 -8.16 25.46 19.89
N PRO D 301 -8.66 25.08 18.71
CA PRO D 301 -9.01 26.11 17.71
C PRO D 301 -10.33 26.79 18.01
N ASN D 302 -10.39 28.08 17.74
CA ASN D 302 -11.67 28.77 17.69
C ASN D 302 -12.44 28.30 16.47
N GLU D 303 -13.73 28.02 16.64
CA GLU D 303 -14.47 27.31 15.60
C GLU D 303 -15.17 28.26 14.64
N GLU D 304 -16.15 29.02 15.14
CA GLU D 304 -17.17 29.62 14.26
C GLU D 304 -16.66 30.84 13.50
N GLU D 305 -15.80 31.65 14.13
CA GLU D 305 -15.25 32.80 13.42
C GLU D 305 -14.17 32.36 12.43
N LEU D 306 -13.48 31.25 12.71
CA LEU D 306 -12.57 30.67 11.74
C LEU D 306 -13.31 30.11 10.54
N ILE D 307 -14.48 29.47 10.77
CA ILE D 307 -15.33 28.99 9.68
C ILE D 307 -15.84 30.14 8.83
N LYS D 308 -16.31 31.23 9.46
CA LYS D 308 -16.86 32.33 8.69
C LYS D 308 -15.77 33.15 7.98
N PHE D 309 -14.57 33.28 8.57
CA PHE D 309 -13.48 33.99 7.91
C PHE D 309 -12.89 33.16 6.78
N MET D 310 -12.78 31.84 6.98
CA MET D 310 -12.15 30.99 5.99
C MET D 310 -13.11 30.67 4.85
N CYS D 311 -14.43 30.76 5.08
CA CYS D 311 -15.42 30.43 4.06
C CYS D 311 -16.02 31.67 3.40
N GLY D 312 -16.68 32.54 4.17
CA GLY D 312 -17.44 33.63 3.57
C GLY D 312 -16.60 34.77 3.07
N GLU D 313 -15.38 34.90 3.57
CA GLU D 313 -14.46 35.92 3.08
C GLU D 313 -13.49 35.39 2.04
N LYS D 314 -13.36 34.06 1.91
CA LYS D 314 -12.37 33.48 1.01
C LYS D 314 -12.95 32.49 0.01
N GLN D 315 -14.29 32.39 -0.08
CA GLN D 315 -15.05 31.61 -1.07
C GLN D 315 -14.68 30.12 -0.97
N PHE D 316 -15.15 29.54 0.13
CA PHE D 316 -14.86 28.14 0.42
C PHE D 316 -16.11 27.41 0.89
N SER D 317 -16.14 26.11 0.61
CA SER D 317 -17.22 25.25 1.07
C SER D 317 -17.12 25.05 2.58
N GLU D 318 -18.28 24.90 3.22
CA GLU D 318 -18.32 24.76 4.67
C GLU D 318 -17.84 23.38 5.12
N GLU D 319 -18.12 22.34 4.32
CA GLU D 319 -17.86 20.98 4.77
C GLU D 319 -16.38 20.61 4.72
N ARG D 320 -15.58 21.23 3.83
CA ARG D 320 -14.16 20.93 3.77
C ARG D 320 -13.41 21.54 4.95
N ILE D 321 -13.72 22.80 5.27
CA ILE D 321 -13.14 23.49 6.42
C ILE D 321 -13.65 22.88 7.72
N ARG D 322 -14.92 22.44 7.74
CA ARG D 322 -15.47 21.76 8.90
C ARG D 322 -14.82 20.39 9.13
N SER D 323 -14.53 19.67 8.04
CA SER D 323 -13.82 18.39 8.15
C SER D 323 -12.38 18.61 8.61
N GLY D 324 -11.75 19.70 8.15
CA GLY D 324 -10.40 20.02 8.60
C GLY D 324 -10.34 20.37 10.08
N VAL D 325 -11.29 21.15 10.58
CA VAL D 325 -11.23 21.52 11.98
C VAL D 325 -11.69 20.37 12.89
N LYS D 326 -12.55 19.47 12.40
CA LYS D 326 -12.89 18.31 13.23
C LYS D 326 -11.76 17.29 13.20
N ARG D 327 -10.97 17.26 12.12
CA ARG D 327 -9.76 16.43 12.12
C ARG D 327 -8.69 17.00 13.03
N LEU D 328 -8.63 18.34 13.17
CA LEU D 328 -7.67 18.92 14.11
C LEU D 328 -8.10 18.66 15.55
N SER D 329 -9.41 18.73 15.82
CA SER D 329 -9.90 18.45 17.17
C SER D 329 -9.80 16.96 17.49
N LYS D 330 -9.86 16.12 16.48
CA LYS D 330 -9.56 14.70 16.66
C LYS D 330 -8.07 14.48 16.93
N SER D 331 -7.22 15.23 16.23
CA SER D 331 -5.78 15.02 16.33
C SER D 331 -5.21 15.61 17.61
N ARG D 332 -5.91 16.56 18.22
CA ARG D 332 -5.46 17.15 19.48
C ARG D 332 -6.33 16.60 20.61
N GLN D 333 -5.91 15.47 21.15
CA GLN D 333 -6.59 14.81 22.25
C GLN D 333 -5.67 14.73 23.47
N GLY D 334 -4.46 15.25 23.35
CA GLY D 334 -3.45 14.98 24.33
C GLY D 334 -2.76 13.66 24.02
N SER D 335 -2.43 12.92 25.08
CA SER D 335 -1.78 11.60 25.06
C SER D 335 -0.45 11.64 24.30
N THR D 336 0.49 12.38 24.90
CA THR D 336 1.79 12.61 24.28
C THR D 336 2.62 11.33 24.28
N GLN D 337 3.06 10.93 23.10
CA GLN D 337 3.77 9.66 22.91
C GLN D 337 5.21 9.81 23.36
N GLY D 338 5.57 9.13 24.45
CA GLY D 338 6.95 9.18 24.92
C GLY D 338 7.86 8.29 24.09
N ARG D 339 9.10 8.73 23.96
CA ARG D 339 10.09 7.99 23.19
C ARG D 339 10.79 6.96 24.07
N LEU D 340 11.54 6.06 23.42
CA LEU D 340 12.20 4.98 24.14
C LEU D 340 13.50 5.41 24.79
N ASP D 341 14.03 6.59 24.45
CA ASP D 341 15.26 7.07 25.07
C ASP D 341 15.05 7.56 26.49
N ASP D 342 13.81 7.84 26.88
CA ASP D 342 13.51 8.18 28.26
C ASP D 342 13.59 6.95 29.16
N PHE D 343 13.31 5.76 28.62
CA PHE D 343 13.22 4.54 29.38
C PHE D 343 14.48 3.69 29.34
N PHE D 344 15.08 3.52 28.15
CA PHE D 344 16.26 2.69 27.98
C PHE D 344 17.47 3.57 27.68
N LYS D 345 18.58 3.30 28.37
CA LYS D 345 19.80 4.07 28.20
C LYS D 345 20.65 3.49 27.08
N VAL D 346 21.28 4.37 26.31
CA VAL D 346 22.10 3.95 25.19
C VAL D 346 23.45 3.48 25.72
N THR D 347 23.82 2.24 25.39
CA THR D 347 25.09 1.65 25.83
C THR D 347 26.06 1.49 24.66
N GLY D 348 26.08 2.45 23.76
CA GLY D 348 26.99 2.46 22.64
C GLY D 348 26.29 2.28 21.31
N SER D 349 27.06 1.80 20.34
CA SER D 349 26.57 1.59 18.98
C SER D 349 27.39 0.46 18.35
N LEU D 350 27.20 0.25 17.05
CA LEU D 350 27.97 -0.71 16.29
C LEU D 350 28.53 -0.05 15.05
N SER D 351 29.61 -0.62 14.53
CA SER D 351 30.39 0.04 13.49
C SER D 351 29.72 -0.07 12.11
N SER D 352 29.56 -1.29 11.61
CA SER D 352 29.05 -1.48 10.26
C SER D 352 27.91 -2.49 10.22
#